data_6MPC
#
_entry.id   6MPC
#
_cell.length_a   75.395
_cell.length_b   102.239
_cell.length_c   171.280
_cell.angle_alpha   90.000
_cell.angle_beta   90.000
_cell.angle_gamma   90.000
#
_symmetry.space_group_name_H-M   'P 21 21 21'
#
loop_
_entity.id
_entity.type
_entity.pdbx_description
1 polymer BlMan5B
2 water water
#
_entity_poly.entity_id   1
_entity_poly.type   'polypeptide(L)'
_entity_poly.pdbx_seq_one_letter_code
;MGSSHHHHHHSSGLVPRGSHMKFGVNYTPSGEWFYTWLNPKWEVIRRDLAQIAELGADHVRIFPLWTLLQPNRTWINPKA
LADVRRMVELGGEAGLDVYVDVIQGHLSSFDFVPSWLVSWHEGSMFTDQSAIEAQSALTEAIYGTLSDMKAFAGLTLGNE
CNQFTDATHPRRMPANAEQIGEWLDTLIGLVAKRCRRDGRLIAHSENDAIWYADGHAFLPRYASCKGDVTTVHSWVFNGT
GQHYGPMSCESLGHAAWLVELSKAFAADPHRPVWVQAIGAPGNVIDSADAPEFCRRSIDAIADCPDVFGVTWWCSHRIPS
AFSDFPFFEHQLGLFDVDGTLTDVGKAFRDAIATHRDTVAPPRTTAIVIPVDEQGDPLMRAAQAPGGSLFEAWANLNRQG
ERPCVITSLDAGNPAKLANRGIVRLERVELVAGHAYNAVSDPAFEHKGE
;
_entity_poly.pdbx_strand_id   A,B
#
# COMPACT_ATOMS: atom_id res chain seq x y z
N SER A 19 23.95 -34.19 -4.15
CA SER A 19 25.04 -33.48 -4.80
C SER A 19 24.66 -33.04 -6.20
N HIS A 20 23.40 -33.22 -6.58
CA HIS A 20 22.90 -32.71 -7.85
C HIS A 20 22.05 -31.45 -7.62
N MET A 21 22.26 -30.47 -8.50
CA MET A 21 21.56 -29.20 -8.40
C MET A 21 20.10 -29.33 -8.81
N LYS A 22 19.23 -28.63 -8.08
CA LYS A 22 17.89 -28.40 -8.55
C LYS A 22 17.89 -27.24 -9.54
N PHE A 23 16.94 -27.27 -10.46
CA PHE A 23 16.77 -26.22 -11.45
C PHE A 23 15.32 -25.76 -11.43
N GLY A 24 15.12 -24.44 -11.31
CA GLY A 24 13.77 -23.94 -11.19
C GLY A 24 13.68 -22.55 -11.78
N VAL A 25 12.50 -21.95 -11.65
CA VAL A 25 12.25 -20.62 -12.19
C VAL A 25 11.47 -19.82 -11.15
N ASN A 26 11.83 -18.55 -11.03
CA ASN A 26 10.99 -17.61 -10.28
C ASN A 26 9.77 -17.25 -11.12
N TYR A 27 8.57 -17.46 -10.58
CA TYR A 27 7.37 -17.45 -11.41
C TYR A 27 6.74 -16.05 -11.41
N THR A 28 6.80 -15.38 -12.58
CA THR A 28 6.08 -14.13 -12.80
C THR A 28 4.91 -14.42 -13.70
N PRO A 29 3.67 -14.31 -13.21
CA PRO A 29 2.51 -14.73 -14.01
C PRO A 29 2.42 -13.95 -15.32
N SER A 30 2.12 -14.68 -16.40
CA SER A 30 2.01 -14.06 -17.70
C SER A 30 0.81 -13.15 -17.74
N GLY A 31 0.88 -12.14 -18.60
CA GLY A 31 -0.33 -11.36 -18.81
C GLY A 31 -0.66 -10.28 -17.77
N GLU A 32 -0.66 -10.64 -16.47
CA GLU A 32 -1.03 -9.70 -15.43
C GLU A 32 0.03 -9.54 -14.33
N TRP A 33 1.17 -10.22 -14.43
CA TRP A 33 2.26 -10.12 -13.44
C TRP A 33 1.66 -10.43 -12.07
N PHE A 34 2.22 -9.89 -10.96
CA PHE A 34 1.61 -10.18 -9.68
C PHE A 34 0.32 -9.44 -9.44
N TYR A 35 -0.07 -8.54 -10.35
CA TYR A 35 -1.43 -8.02 -10.25
C TYR A 35 -2.49 -9.10 -10.49
N THR A 36 -2.09 -10.29 -10.97
CA THR A 36 -3.10 -11.34 -11.18
C THR A 36 -3.69 -11.83 -9.86
N TRP A 37 -3.02 -11.56 -8.71
CA TRP A 37 -3.54 -12.06 -7.44
C TRP A 37 -4.89 -11.47 -7.09
N LEU A 38 -5.22 -10.29 -7.63
CA LEU A 38 -6.54 -9.71 -7.40
C LEU A 38 -7.64 -10.63 -7.96
N ASN A 39 -7.41 -11.23 -9.12
CA ASN A 39 -8.42 -12.08 -9.76
C ASN A 39 -7.73 -13.09 -10.65
N PRO A 40 -7.12 -14.13 -10.07
CA PRO A 40 -6.24 -15.01 -10.85
C PRO A 40 -6.97 -15.71 -11.98
N LYS A 41 -6.30 -15.78 -13.13
CA LYS A 41 -6.83 -16.45 -14.31
C LYS A 41 -6.23 -17.86 -14.28
N TRP A 42 -6.93 -18.79 -13.64
CA TRP A 42 -6.34 -20.08 -13.31
C TRP A 42 -5.97 -20.88 -14.55
N GLU A 43 -6.73 -20.72 -15.65
CA GLU A 43 -6.37 -21.45 -16.86
C GLU A 43 -5.05 -20.96 -17.46
N VAL A 44 -4.78 -19.66 -17.35
CA VAL A 44 -3.53 -19.11 -17.83
C VAL A 44 -2.38 -19.55 -16.92
N ILE A 45 -2.60 -19.51 -15.60
CA ILE A 45 -1.57 -19.90 -14.64
C ILE A 45 -1.20 -21.37 -14.84
N ARG A 46 -2.20 -22.23 -15.06
CA ARG A 46 -1.89 -23.63 -15.35
C ARG A 46 -1.00 -23.74 -16.58
N ARG A 47 -1.30 -22.98 -17.65
CA ARG A 47 -0.45 -23.01 -18.83
C ARG A 47 0.94 -22.44 -18.55
N ASP A 48 1.02 -21.38 -17.75
CA ASP A 48 2.31 -20.84 -17.31
C ASP A 48 3.18 -21.91 -16.67
N LEU A 49 2.63 -22.60 -15.66
CA LEU A 49 3.40 -23.61 -14.93
C LEU A 49 3.72 -24.82 -15.81
N ALA A 50 2.84 -25.20 -16.74
CA ALA A 50 3.19 -26.28 -17.65
C ALA A 50 4.38 -25.90 -18.51
N GLN A 51 4.45 -24.64 -18.95
CA GLN A 51 5.57 -24.18 -19.75
C GLN A 51 6.88 -24.26 -18.97
N ILE A 52 6.86 -23.85 -17.70
CA ILE A 52 8.06 -23.95 -16.87
C ILE A 52 8.51 -25.40 -16.76
N ALA A 53 7.57 -26.30 -16.48
CA ALA A 53 7.89 -27.72 -16.39
C ALA A 53 8.44 -28.25 -17.71
N GLU A 54 7.92 -27.75 -18.84
CA GLU A 54 8.41 -28.16 -20.17
C GLU A 54 9.90 -27.87 -20.36
N LEU A 55 10.43 -26.90 -19.62
CA LEU A 55 11.85 -26.59 -19.71
C LEU A 55 12.71 -27.68 -19.09
N GLY A 56 12.12 -28.57 -18.30
CA GLY A 56 12.89 -29.46 -17.47
C GLY A 56 13.10 -28.95 -16.05
N ALA A 57 12.50 -27.82 -15.70
CA ALA A 57 12.60 -27.33 -14.34
C ALA A 57 11.89 -28.28 -13.39
N ASP A 58 12.44 -28.41 -12.18
CA ASP A 58 11.83 -29.24 -11.16
C ASP A 58 11.12 -28.45 -10.06
N HIS A 59 11.24 -27.12 -10.03
CA HIS A 59 10.55 -26.32 -9.01
C HIS A 59 10.26 -24.91 -9.50
N VAL A 60 9.34 -24.24 -8.78
CA VAL A 60 9.13 -22.81 -8.94
C VAL A 60 9.15 -22.15 -7.58
N ARG A 61 9.43 -20.85 -7.60
CA ARG A 61 9.32 -19.98 -6.45
C ARG A 61 8.21 -18.97 -6.74
N ILE A 62 7.28 -18.80 -5.80
CA ILE A 62 6.12 -17.96 -6.06
C ILE A 62 6.02 -16.87 -4.99
N PHE A 63 5.28 -15.80 -5.34
CA PHE A 63 5.33 -14.53 -4.59
C PHE A 63 3.94 -13.94 -4.37
N PRO A 64 3.27 -14.29 -3.28
CA PRO A 64 2.04 -13.60 -2.92
C PRO A 64 2.35 -12.20 -2.38
N LEU A 65 1.33 -11.34 -2.34
CA LEU A 65 1.51 -9.94 -1.93
C LEU A 65 1.02 -9.72 -0.51
N TRP A 66 1.86 -9.05 0.30
CA TRP A 66 1.54 -8.84 1.70
C TRP A 66 0.27 -8.01 1.86
N THR A 67 0.11 -7.01 0.99
CA THR A 67 -1.04 -6.11 1.03
C THR A 67 -2.36 -6.86 0.84
N LEU A 68 -2.35 -7.93 0.05
CA LEU A 68 -3.55 -8.75 -0.16
C LEU A 68 -3.72 -9.81 0.91
N LEU A 69 -2.60 -10.39 1.39
CA LEU A 69 -2.68 -11.43 2.41
C LEU A 69 -3.18 -10.90 3.74
N GLN A 70 -2.71 -9.71 4.15
CA GLN A 70 -2.87 -9.25 5.53
C GLN A 70 -3.26 -7.77 5.54
N PRO A 71 -4.50 -7.45 5.13
CA PRO A 71 -4.88 -6.03 4.98
C PRO A 71 -5.13 -5.36 6.31
N ASN A 72 -5.22 -6.12 7.40
CA ASN A 72 -5.28 -5.58 8.74
C ASN A 72 -4.28 -6.35 9.59
N ARG A 73 -3.73 -5.67 10.61
CA ARG A 73 -2.71 -6.34 11.43
C ARG A 73 -3.26 -7.63 12.06
N THR A 74 -4.56 -7.67 12.39
CA THR A 74 -5.13 -8.86 13.01
C THR A 74 -6.23 -9.48 12.14
N TRP A 75 -6.09 -9.39 10.82
CA TRP A 75 -6.95 -10.19 9.94
C TRP A 75 -6.19 -10.59 8.69
N ILE A 76 -6.03 -11.90 8.48
CA ILE A 76 -5.44 -12.45 7.27
C ILE A 76 -6.59 -12.89 6.35
N ASN A 77 -6.55 -12.47 5.10
CA ASN A 77 -7.67 -12.69 4.18
C ASN A 77 -7.72 -14.15 3.74
N PRO A 78 -8.76 -14.90 4.08
CA PRO A 78 -8.83 -16.34 3.70
C PRO A 78 -8.79 -16.58 2.19
N LYS A 79 -9.33 -15.67 1.38
CA LYS A 79 -9.28 -15.87 -0.07
C LYS A 79 -7.86 -15.76 -0.58
N ALA A 80 -7.07 -14.80 -0.05
CA ALA A 80 -5.67 -14.69 -0.44
C ALA A 80 -4.90 -15.96 -0.09
N LEU A 81 -5.15 -16.52 1.09
CA LEU A 81 -4.55 -17.82 1.45
C LEU A 81 -5.01 -18.93 0.50
N ALA A 82 -6.30 -18.99 0.18
CA ALA A 82 -6.77 -20.03 -0.73
C ALA A 82 -6.18 -19.89 -2.13
N ASP A 83 -5.95 -18.66 -2.57
CA ASP A 83 -5.33 -18.47 -3.87
C ASP A 83 -3.88 -18.96 -3.87
N VAL A 84 -3.16 -18.72 -2.77
CA VAL A 84 -1.80 -19.28 -2.67
C VAL A 84 -1.88 -20.80 -2.72
N ARG A 85 -2.80 -21.39 -1.96
CA ARG A 85 -2.93 -22.85 -1.99
CA ARG A 85 -2.96 -22.85 -1.99
C ARG A 85 -3.26 -23.34 -3.40
N ARG A 86 -4.12 -22.63 -4.13
CA ARG A 86 -4.45 -23.10 -5.47
C ARG A 86 -3.23 -23.01 -6.40
N MET A 87 -2.42 -21.97 -6.26
CA MET A 87 -1.24 -21.88 -7.13
C MET A 87 -0.24 -23.00 -6.82
N VAL A 88 -0.04 -23.32 -5.55
CA VAL A 88 0.80 -24.47 -5.19
C VAL A 88 0.21 -25.75 -5.78
N GLU A 89 -1.10 -25.91 -5.69
CA GLU A 89 -1.74 -27.11 -6.23
C GLU A 89 -1.46 -27.24 -7.72
N LEU A 90 -1.56 -26.13 -8.46
CA LEU A 90 -1.32 -26.21 -9.90
C LEU A 90 0.15 -26.46 -10.21
N GLY A 91 1.06 -25.92 -9.40
CA GLY A 91 2.46 -26.25 -9.57
C GLY A 91 2.70 -27.74 -9.44
N GLY A 92 2.13 -28.35 -8.40
CA GLY A 92 2.25 -29.80 -8.22
C GLY A 92 1.65 -30.56 -9.39
N GLU A 93 0.47 -30.12 -9.85
CA GLU A 93 -0.14 -30.83 -10.98
C GLU A 93 0.71 -30.71 -12.24
N ALA A 94 1.56 -29.68 -12.34
CA ALA A 94 2.51 -29.55 -13.44
C ALA A 94 3.78 -30.36 -13.23
N GLY A 95 3.95 -31.01 -12.08
CA GLY A 95 5.15 -31.75 -11.78
C GLY A 95 6.24 -30.93 -11.12
N LEU A 96 5.90 -29.80 -10.51
CA LEU A 96 6.88 -28.91 -9.90
C LEU A 96 6.71 -28.91 -8.39
N ASP A 97 7.84 -28.94 -7.66
CA ASP A 97 7.83 -28.51 -6.27
C ASP A 97 7.70 -26.99 -6.21
N VAL A 98 7.05 -26.50 -5.17
CA VAL A 98 6.74 -25.09 -5.07
C VAL A 98 7.34 -24.53 -3.78
N TYR A 99 8.17 -23.49 -3.92
CA TYR A 99 8.68 -22.69 -2.81
C TYR A 99 7.93 -21.36 -2.76
N VAL A 100 7.52 -20.95 -1.56
CA VAL A 100 6.71 -19.75 -1.38
C VAL A 100 7.50 -18.72 -0.57
N ASP A 101 7.58 -17.50 -1.07
CA ASP A 101 8.10 -16.37 -0.30
C ASP A 101 6.95 -15.75 0.45
N VAL A 102 7.10 -15.62 1.78
CA VAL A 102 5.96 -15.24 2.61
C VAL A 102 5.63 -13.74 2.47
N ILE A 103 6.65 -12.88 2.55
CA ILE A 103 6.43 -11.44 2.75
C ILE A 103 7.00 -10.65 1.58
N GLN A 104 6.13 -10.25 0.64
CA GLN A 104 6.43 -9.22 -0.35
C GLN A 104 5.45 -8.09 -0.13
N GLY A 105 5.91 -6.96 0.45
CA GLY A 105 7.33 -6.71 0.72
C GLY A 105 7.90 -6.04 -0.52
N HIS A 106 8.93 -6.64 -1.12
CA HIS A 106 9.62 -6.01 -2.25
C HIS A 106 9.64 -6.93 -3.45
N LEU A 107 9.27 -6.40 -4.61
CA LEU A 107 9.37 -7.07 -5.92
C LEU A 107 9.70 -6.05 -6.99
N SER A 108 10.82 -6.24 -7.69
CA SER A 108 11.13 -5.53 -8.93
C SER A 108 10.90 -4.02 -8.86
N SER A 109 11.46 -3.38 -7.82
CA SER A 109 11.51 -1.92 -7.60
C SER A 109 10.30 -1.39 -6.84
N PHE A 110 9.29 -2.22 -6.58
CA PHE A 110 8.05 -1.80 -5.93
C PHE A 110 7.97 -2.37 -4.53
N ASP A 111 7.44 -1.55 -3.62
CA ASP A 111 7.14 -2.02 -2.27
C ASP A 111 5.64 -2.23 -2.14
N PHE A 112 5.28 -3.32 -1.48
CA PHE A 112 3.90 -3.67 -1.17
C PHE A 112 3.82 -3.81 0.34
N VAL A 113 3.45 -2.71 1.01
CA VAL A 113 3.42 -2.66 2.48
C VAL A 113 1.99 -2.32 2.89
N PRO A 114 1.37 -3.12 3.76
CA PRO A 114 -0.03 -2.86 4.11
C PRO A 114 -0.23 -1.48 4.76
N SER A 115 -1.46 -0.99 4.62
CA SER A 115 -1.87 0.33 5.11
C SER A 115 -1.55 0.52 6.60
N TRP A 116 -1.57 -0.57 7.38
CA TRP A 116 -1.37 -0.50 8.83
C TRP A 116 0.08 -0.41 9.23
N LEU A 117 0.99 -0.33 8.25
CA LEU A 117 2.39 -0.10 8.55
C LEU A 117 2.97 1.12 7.83
N VAL A 118 2.11 2.02 7.31
CA VAL A 118 2.56 3.21 6.58
C VAL A 118 1.96 4.49 7.14
N SER A 119 2.68 5.60 6.91
CA SER A 119 2.31 7.01 7.18
C SER A 119 1.73 7.23 8.57
N TRP A 120 0.42 7.43 8.70
CA TRP A 120 -0.14 7.58 10.05
C TRP A 120 0.13 6.37 10.93
N HIS A 121 0.40 5.21 10.32
CA HIS A 121 0.66 3.95 11.02
C HIS A 121 2.07 3.44 10.79
N GLU A 122 2.99 4.34 10.42
CA GLU A 122 4.35 4.00 10.02
C GLU A 122 5.05 3.18 11.11
N GLY A 123 5.67 2.07 10.71
CA GLY A 123 6.43 1.27 11.66
C GLY A 123 7.46 0.42 10.94
N SER A 124 8.39 -0.12 11.74
CA SER A 124 9.44 -0.99 11.23
C SER A 124 9.02 -2.45 11.41
N MET A 125 9.01 -3.21 10.31
CA MET A 125 8.72 -4.63 10.42
C MET A 125 9.78 -5.37 11.24
N PHE A 126 10.95 -4.76 11.43
CA PHE A 126 12.05 -5.42 12.12
C PHE A 126 12.05 -5.20 13.62
N THR A 127 11.44 -4.13 14.12
CA THR A 127 11.52 -3.81 15.54
C THR A 127 10.18 -3.59 16.21
N ASP A 128 9.12 -3.29 15.47
CA ASP A 128 7.82 -3.06 16.11
C ASP A 128 7.25 -4.41 16.50
N GLN A 129 7.04 -4.60 17.82
CA GLN A 129 6.66 -5.93 18.30
CA GLN A 129 6.66 -5.92 18.31
C GLN A 129 5.31 -6.37 17.75
N SER A 130 4.36 -5.46 17.67
CA SER A 130 3.06 -5.90 17.15
C SER A 130 3.14 -6.23 15.66
N ALA A 131 4.01 -5.56 14.91
CA ALA A 131 4.22 -5.93 13.51
C ALA A 131 4.91 -7.28 13.40
N ILE A 132 5.86 -7.56 14.29
CA ILE A 132 6.54 -8.84 14.29
C ILE A 132 5.54 -9.95 14.60
N GLU A 133 4.62 -9.69 15.53
CA GLU A 133 3.55 -10.63 15.84
CA GLU A 133 3.60 -10.70 15.81
C GLU A 133 2.68 -10.90 14.61
N ALA A 134 2.41 -9.86 13.82
CA ALA A 134 1.61 -10.06 12.61
C ALA A 134 2.37 -10.88 11.56
N GLN A 135 3.67 -10.59 11.38
CA GLN A 135 4.45 -11.39 10.44
C GLN A 135 4.55 -12.83 10.88
N SER A 136 4.61 -13.06 12.20
CA SER A 136 4.57 -14.42 12.73
C SER A 136 3.27 -15.12 12.37
N ALA A 137 2.14 -14.42 12.58
CA ALA A 137 0.84 -15.01 12.26
C ALA A 137 0.72 -15.32 10.78
N LEU A 138 1.31 -14.48 9.93
CA LEU A 138 1.22 -14.72 8.48
C LEU A 138 2.10 -15.90 8.06
N THR A 139 3.31 -15.98 8.62
CA THR A 139 4.18 -17.14 8.38
C THR A 139 3.49 -18.44 8.80
N GLU A 140 2.87 -18.46 10.00
CA GLU A 140 2.15 -19.64 10.43
C GLU A 140 0.94 -19.94 9.55
N ALA A 141 0.23 -18.89 9.10
CA ALA A 141 -0.97 -19.13 8.30
C ALA A 141 -0.59 -19.68 6.93
N ILE A 142 0.51 -19.19 6.34
CA ILE A 142 0.95 -19.72 5.06
C ILE A 142 1.39 -21.17 5.18
N TYR A 143 2.24 -21.46 6.19
CA TYR A 143 2.66 -22.84 6.38
C TYR A 143 1.46 -23.74 6.63
N GLY A 144 0.58 -23.33 7.55
CA GLY A 144 -0.54 -24.18 7.89
C GLY A 144 -1.50 -24.39 6.72
N THR A 145 -1.71 -23.35 5.90
CA THR A 145 -2.58 -23.52 4.73
C THR A 145 -2.01 -24.55 3.78
N LEU A 146 -0.69 -24.59 3.62
CA LEU A 146 -0.03 -25.40 2.61
C LEU A 146 0.48 -26.73 3.15
N SER A 147 0.33 -27.01 4.45
CA SER A 147 1.13 -28.04 5.11
C SER A 147 0.77 -29.46 4.67
N ASP A 148 -0.45 -29.67 4.16
CA ASP A 148 -0.91 -30.97 3.71
CA ASP A 148 -0.84 -30.99 3.73
C ASP A 148 -0.59 -31.25 2.26
N MET A 149 0.15 -30.38 1.58
CA MET A 149 0.32 -30.42 0.14
CA MET A 149 0.31 -30.46 0.14
C MET A 149 1.64 -31.11 -0.21
N LYS A 150 1.57 -32.17 -1.02
CA LYS A 150 2.79 -32.86 -1.44
C LYS A 150 3.77 -31.94 -2.17
N ALA A 151 3.27 -30.96 -2.94
CA ALA A 151 4.12 -30.11 -3.75
C ALA A 151 4.75 -28.97 -2.98
N PHE A 152 4.26 -28.66 -1.77
CA PHE A 152 4.80 -27.53 -1.00
C PHE A 152 6.16 -27.93 -0.46
N ALA A 153 7.22 -27.28 -0.96
CA ALA A 153 8.57 -27.74 -0.63
C ALA A 153 9.24 -26.87 0.43
N GLY A 154 8.78 -25.64 0.62
CA GLY A 154 9.37 -24.83 1.67
C GLY A 154 9.02 -23.36 1.50
N LEU A 155 9.51 -22.57 2.47
CA LEU A 155 9.19 -21.16 2.61
C LEU A 155 10.49 -20.36 2.70
N THR A 156 10.49 -19.18 2.10
CA THR A 156 11.44 -18.13 2.41
C THR A 156 10.67 -16.99 3.08
N LEU A 157 11.25 -16.37 4.13
CA LEU A 157 10.54 -15.30 4.84
C LEU A 157 10.00 -14.24 3.88
N GLY A 158 10.79 -13.90 2.87
CA GLY A 158 10.39 -12.91 1.90
C GLY A 158 11.53 -12.46 1.02
N ASN A 159 11.18 -11.86 -0.11
CA ASN A 159 12.14 -11.49 -1.14
C ASN A 159 12.91 -10.26 -0.71
N GLU A 160 14.20 -10.44 -0.40
CA GLU A 160 15.14 -9.34 -0.19
C GLU A 160 14.59 -8.34 0.83
N CYS A 161 14.07 -8.84 1.94
CA CYS A 161 13.48 -7.95 2.92
C CYS A 161 14.48 -6.95 3.48
N ASN A 162 15.78 -7.28 3.46
CA ASN A 162 16.77 -6.36 4.03
C ASN A 162 16.77 -5.01 3.34
N GLN A 163 16.23 -4.93 2.12
CA GLN A 163 16.20 -3.64 1.42
C GLN A 163 15.40 -2.59 2.19
N PHE A 164 14.44 -3.03 3.01
CA PHE A 164 13.65 -2.09 3.82
C PHE A 164 14.46 -1.39 4.90
N THR A 165 15.55 -2.00 5.39
CA THR A 165 16.30 -1.41 6.51
C THR A 165 17.57 -0.67 6.05
N ASP A 166 17.93 -0.78 4.78
CA ASP A 166 19.13 -0.10 4.28
C ASP A 166 18.88 1.40 4.24
N ALA A 167 19.95 2.18 4.54
CA ALA A 167 19.86 3.64 4.50
C ALA A 167 19.53 4.14 3.09
N THR A 168 19.71 3.31 2.06
CA THR A 168 19.31 3.72 0.71
C THR A 168 17.80 3.80 0.57
N HIS A 169 17.05 3.14 1.46
CA HIS A 169 15.61 3.06 1.26
C HIS A 169 14.95 4.38 1.63
N PRO A 170 14.05 4.92 0.79
CA PRO A 170 13.50 6.26 1.07
C PRO A 170 12.48 6.28 2.20
N ARG A 171 11.99 5.14 2.65
CA ARG A 171 11.09 5.05 3.80
C ARG A 171 11.59 3.94 4.72
N ARG A 172 12.83 4.12 5.15
CA ARG A 172 13.55 3.05 5.82
C ARG A 172 12.81 2.59 7.06
N MET A 173 12.82 1.27 7.30
CA MET A 173 12.39 0.66 8.55
C MET A 173 13.61 0.39 9.41
N PRO A 174 13.84 1.16 10.47
CA PRO A 174 15.11 1.06 11.21
C PRO A 174 15.28 -0.27 11.91
N ALA A 175 16.56 -0.61 12.16
CA ALA A 175 16.98 -1.77 12.93
C ALA A 175 18.49 -1.73 13.09
N ASN A 176 18.97 -2.20 14.23
CA ASN A 176 20.40 -2.49 14.33
C ASN A 176 20.62 -3.99 14.07
N ALA A 177 21.89 -4.36 14.02
CA ALA A 177 22.24 -5.72 13.61
C ALA A 177 21.70 -6.75 14.60
N GLU A 178 21.67 -6.39 15.89
CA GLU A 178 21.12 -7.32 16.88
C GLU A 178 19.63 -7.54 16.64
N GLN A 179 18.89 -6.46 16.34
CA GLN A 179 17.46 -6.58 16.12
C GLN A 179 17.16 -7.36 14.84
N ILE A 180 18.01 -7.22 13.81
CA ILE A 180 17.83 -8.01 12.60
C ILE A 180 17.99 -9.50 12.93
N GLY A 181 19.04 -9.85 13.69
CA GLY A 181 19.21 -11.24 14.09
C GLY A 181 18.03 -11.79 14.85
N GLU A 182 17.44 -10.97 15.74
CA GLU A 182 16.25 -11.40 16.46
C GLU A 182 15.04 -11.57 15.53
N TRP A 183 14.86 -10.66 14.56
CA TRP A 183 13.77 -10.80 13.59
C TRP A 183 13.89 -12.11 12.84
N LEU A 184 15.07 -12.41 12.32
CA LEU A 184 15.28 -13.69 11.65
C LEU A 184 14.99 -14.88 12.57
N ASP A 185 15.58 -14.87 13.77
CA ASP A 185 15.42 -16.02 14.68
C ASP A 185 13.95 -16.22 15.04
N THR A 186 13.22 -15.12 15.25
CA THR A 186 11.80 -15.21 15.62
C THR A 186 10.98 -15.86 14.51
N LEU A 187 11.10 -15.35 13.27
CA LEU A 187 10.23 -15.87 12.20
C LEU A 187 10.68 -17.26 11.76
N ILE A 188 11.99 -17.48 11.64
CA ILE A 188 12.48 -18.82 11.27
C ILE A 188 12.09 -19.83 12.34
N GLY A 189 12.20 -19.42 13.62
CA GLY A 189 11.91 -20.31 14.73
C GLY A 189 10.46 -20.77 14.82
N LEU A 190 9.53 -20.05 14.18
CA LEU A 190 8.13 -20.46 14.16
C LEU A 190 7.93 -21.78 13.45
N VAL A 191 8.63 -22.01 12.35
CA VAL A 191 8.36 -23.18 11.51
C VAL A 191 9.54 -24.11 11.38
N ALA A 192 10.69 -23.81 12.01
CA ALA A 192 11.89 -24.60 11.76
C ALA A 192 11.70 -26.07 12.11
N LYS A 193 11.10 -26.35 13.27
CA LYS A 193 10.92 -27.72 13.70
C LYS A 193 9.89 -28.46 12.84
N ARG A 194 8.78 -27.79 12.53
CA ARG A 194 7.80 -28.39 11.62
C ARG A 194 8.43 -28.70 10.27
N CYS A 195 9.21 -27.76 9.75
CA CYS A 195 9.88 -27.98 8.47
C CYS A 195 10.76 -29.22 8.52
N ARG A 196 11.52 -29.39 9.62
CA ARG A 196 12.40 -30.53 9.73
C ARG A 196 11.61 -31.83 9.81
N ARG A 197 10.54 -31.87 10.61
CA ARG A 197 9.74 -33.08 10.75
C ARG A 197 8.92 -33.38 9.48
N ASP A 198 8.56 -32.35 8.73
CA ASP A 198 7.72 -32.54 7.54
C ASP A 198 8.54 -32.76 6.27
N GLY A 199 9.84 -32.49 6.28
CA GLY A 199 10.63 -32.62 5.08
C GLY A 199 10.61 -31.41 4.18
N ARG A 200 10.51 -30.21 4.74
CA ARG A 200 10.47 -28.98 3.97
C ARG A 200 11.58 -28.08 4.46
N LEU A 201 11.81 -26.98 3.76
CA LEU A 201 12.91 -26.11 4.14
C LEU A 201 12.37 -24.74 4.53
N ILE A 202 13.10 -24.07 5.44
CA ILE A 202 12.83 -22.67 5.77
C ILE A 202 14.11 -21.88 5.48
N ALA A 203 13.98 -20.75 4.80
CA ALA A 203 15.14 -19.91 4.49
C ALA A 203 14.78 -18.44 4.59
N HIS A 204 15.79 -17.58 4.45
CA HIS A 204 15.54 -16.16 4.30
C HIS A 204 16.37 -15.65 3.14
N SER A 205 16.04 -14.44 2.67
CA SER A 205 16.65 -13.91 1.45
C SER A 205 16.99 -12.43 1.62
N GLU A 206 18.22 -12.08 1.25
CA GLU A 206 18.69 -10.70 1.23
C GLU A 206 19.23 -10.39 -0.15
N ASN A 207 19.14 -9.11 -0.55
CA ASN A 207 19.87 -8.66 -1.72
C ASN A 207 21.37 -8.61 -1.37
N ASP A 208 22.23 -8.24 -2.32
CA ASP A 208 23.66 -8.43 -2.07
C ASP A 208 24.28 -7.38 -1.15
N ALA A 209 23.48 -6.47 -0.57
CA ALA A 209 24.04 -5.58 0.47
C ALA A 209 24.56 -6.39 1.65
N ILE A 210 23.98 -7.56 1.89
CA ILE A 210 24.47 -8.37 3.00
C ILE A 210 25.93 -8.74 2.77
N TRP A 211 26.31 -8.94 1.50
CA TRP A 211 27.69 -9.32 1.23
C TRP A 211 28.60 -8.12 1.05
N TYR A 212 28.06 -7.00 0.59
CA TYR A 212 28.86 -5.93 0.02
C TYR A 212 28.79 -4.61 0.76
N ALA A 213 27.74 -4.32 1.53
CA ALA A 213 27.53 -2.98 2.04
C ALA A 213 28.07 -2.86 3.46
N ASP A 214 29.19 -2.15 3.62
CA ASP A 214 29.66 -1.81 4.96
C ASP A 214 28.55 -1.11 5.73
N GLY A 215 28.41 -1.44 7.01
CA GLY A 215 27.44 -0.83 7.88
C GLY A 215 26.04 -1.43 7.83
N HIS A 216 25.82 -2.43 7.01
CA HIS A 216 24.48 -2.98 6.83
C HIS A 216 24.12 -3.90 8.00
N ALA A 217 22.88 -3.75 8.50
CA ALA A 217 22.48 -4.50 9.70
C ALA A 217 22.26 -6.00 9.44
N PHE A 218 22.07 -6.43 8.19
CA PHE A 218 22.14 -7.86 7.89
C PHE A 218 23.60 -8.20 7.67
N LEU A 219 24.11 -9.20 8.44
CA LEU A 219 25.50 -9.63 8.41
C LEU A 219 25.64 -10.93 7.62
N PRO A 220 26.77 -11.09 6.92
CA PRO A 220 26.98 -12.31 6.13
C PRO A 220 26.65 -13.62 6.85
N ARG A 221 27.09 -13.77 8.12
CA ARG A 221 26.82 -15.00 8.87
C ARG A 221 25.34 -15.26 9.06
N TYR A 222 24.49 -14.22 8.94
CA TYR A 222 23.05 -14.46 9.01
C TYR A 222 22.57 -15.32 7.85
N ALA A 223 22.98 -14.97 6.61
CA ALA A 223 22.57 -15.75 5.44
C ALA A 223 23.14 -17.16 5.50
N SER A 224 24.37 -17.29 6.00
CA SER A 224 25.10 -18.54 5.95
C SER A 224 24.84 -19.44 7.16
N CYS A 225 24.17 -18.94 8.19
CA CYS A 225 23.94 -19.77 9.39
C CYS A 225 22.48 -19.91 9.77
N LYS A 226 21.64 -18.94 9.43
CA LYS A 226 20.25 -18.97 9.84
C LYS A 226 19.39 -19.46 8.68
N GLY A 227 18.39 -20.28 8.99
CA GLY A 227 17.66 -20.96 7.95
C GLY A 227 18.43 -22.16 7.46
N ASP A 228 17.79 -22.95 6.59
CA ASP A 228 18.31 -24.29 6.28
C ASP A 228 19.36 -24.28 5.18
N VAL A 229 19.26 -23.35 4.25
CA VAL A 229 20.22 -23.20 3.15
C VAL A 229 20.52 -21.71 3.00
N THR A 230 21.71 -21.40 2.54
CA THR A 230 22.05 -20.03 2.17
C THR A 230 21.36 -19.68 0.86
N THR A 231 20.75 -18.49 0.79
CA THR A 231 20.26 -17.98 -0.49
C THR A 231 21.16 -16.85 -0.95
N VAL A 232 21.42 -16.80 -2.26
CA VAL A 232 22.08 -15.64 -2.87
C VAL A 232 21.31 -15.23 -4.12
N HIS A 233 21.29 -13.92 -4.36
CA HIS A 233 20.69 -13.32 -5.55
C HIS A 233 21.81 -12.63 -6.32
N SER A 234 22.06 -13.07 -7.55
CA SER A 234 23.24 -12.65 -8.31
C SER A 234 22.81 -11.74 -9.46
N TRP A 235 23.15 -10.46 -9.35
CA TRP A 235 22.76 -9.43 -10.32
C TRP A 235 23.99 -8.59 -10.65
N VAL A 236 24.53 -8.75 -11.85
CA VAL A 236 25.81 -8.13 -12.18
C VAL A 236 25.64 -6.66 -12.55
N PHE A 237 24.43 -6.12 -12.41
CA PHE A 237 24.32 -4.67 -12.48
C PHE A 237 24.76 -3.99 -11.19
N ASN A 238 25.27 -4.76 -10.22
CA ASN A 238 25.70 -4.20 -8.95
C ASN A 238 27.07 -3.53 -9.05
N GLY A 239 27.51 -3.17 -10.24
CA GLY A 239 28.84 -2.63 -10.46
C GLY A 239 29.79 -3.61 -11.10
N THR A 240 29.49 -4.91 -11.04
CA THR A 240 30.40 -5.91 -11.61
C THR A 240 30.47 -5.80 -13.13
N GLY A 241 29.31 -5.81 -13.79
CA GLY A 241 29.31 -5.69 -15.24
C GLY A 241 29.87 -4.37 -15.71
N GLN A 242 29.63 -3.30 -14.95
CA GLN A 242 30.13 -1.99 -15.35
C GLN A 242 31.65 -1.91 -15.18
N HIS A 243 32.17 -2.38 -14.04
CA HIS A 243 33.58 -2.19 -13.76
C HIS A 243 34.46 -3.13 -14.57
N TYR A 244 34.00 -4.38 -14.78
CA TYR A 244 34.81 -5.37 -15.45
C TYR A 244 34.37 -5.71 -16.87
N GLY A 245 33.15 -5.34 -17.28
CA GLY A 245 32.62 -5.78 -18.55
C GLY A 245 31.56 -6.87 -18.38
N PRO A 246 30.50 -6.80 -19.20
CA PRO A 246 29.37 -7.73 -19.00
C PRO A 246 29.73 -9.20 -19.18
N MET A 247 30.66 -9.51 -20.09
CA MET A 247 31.05 -10.88 -20.36
C MET A 247 32.43 -11.18 -19.81
N SER A 248 32.89 -10.41 -18.84
CA SER A 248 34.16 -10.69 -18.18
C SER A 248 34.04 -11.93 -17.29
N CYS A 249 35.21 -12.46 -16.89
CA CYS A 249 35.23 -13.54 -15.92
C CYS A 249 34.59 -13.11 -14.60
N GLU A 250 34.84 -11.87 -14.19
CA GLU A 250 34.26 -11.37 -12.94
C GLU A 250 32.74 -11.40 -13.01
N SER A 251 32.18 -11.09 -14.18
CA SER A 251 30.73 -11.04 -14.35
C SER A 251 30.15 -12.44 -14.56
N LEU A 252 30.74 -13.22 -15.46
CA LEU A 252 30.24 -14.58 -15.69
C LEU A 252 30.42 -15.46 -14.46
N GLY A 253 31.41 -15.18 -13.63
CA GLY A 253 31.62 -15.96 -12.43
C GLY A 253 30.96 -15.41 -11.18
N HIS A 254 30.21 -14.31 -11.28
CA HIS A 254 29.74 -13.61 -10.09
C HIS A 254 28.83 -14.48 -9.23
N ALA A 255 27.96 -15.26 -9.86
CA ALA A 255 27.08 -16.14 -9.08
C ALA A 255 27.88 -17.21 -8.34
N ALA A 256 28.84 -17.84 -9.02
CA ALA A 256 29.70 -18.78 -8.32
C ALA A 256 30.50 -18.10 -7.21
N TRP A 257 30.91 -16.85 -7.44
CA TRP A 257 31.62 -16.10 -6.41
C TRP A 257 30.76 -15.95 -5.16
N LEU A 258 29.50 -15.58 -5.33
CA LEU A 258 28.60 -15.46 -4.17
C LEU A 258 28.45 -16.80 -3.47
N VAL A 259 28.37 -17.89 -4.24
CA VAL A 259 28.29 -19.21 -3.63
C VAL A 259 29.50 -19.44 -2.73
N GLU A 260 30.70 -19.25 -3.27
CA GLU A 260 31.90 -19.58 -2.52
C GLU A 260 32.14 -18.58 -1.39
N LEU A 261 31.89 -17.29 -1.65
CA LEU A 261 31.98 -16.29 -0.60
C LEU A 261 31.09 -16.65 0.58
N SER A 262 29.84 -17.03 0.31
CA SER A 262 28.89 -17.26 1.40
C SER A 262 29.35 -18.38 2.32
N LYS A 263 30.04 -19.39 1.78
CA LYS A 263 30.46 -20.53 2.60
C LYS A 263 31.47 -20.11 3.66
N ALA A 264 32.23 -19.04 3.42
CA ALA A 264 33.21 -18.59 4.40
C ALA A 264 32.55 -18.28 5.74
N PHE A 265 31.30 -17.82 5.71
CA PHE A 265 30.60 -17.40 6.91
C PHE A 265 29.66 -18.46 7.48
N ALA A 266 29.67 -19.67 6.92
CA ALA A 266 28.81 -20.76 7.39
C ALA A 266 29.51 -21.59 8.46
N ALA A 267 28.77 -21.92 9.52
CA ALA A 267 29.32 -22.84 10.51
C ALA A 267 29.34 -24.28 9.99
N ASP A 268 28.38 -24.63 9.15
CA ASP A 268 28.25 -25.99 8.64
C ASP A 268 29.09 -26.13 7.38
N PRO A 269 30.08 -27.03 7.35
CA PRO A 269 31.03 -27.06 6.21
C PRO A 269 30.46 -27.60 4.92
N HIS A 270 29.27 -28.21 4.91
CA HIS A 270 28.67 -28.62 3.64
C HIS A 270 27.24 -28.09 3.51
N ARG A 271 26.97 -26.94 4.11
CA ARG A 271 25.64 -26.36 4.03
C ARG A 271 25.31 -26.02 2.57
N PRO A 272 24.14 -26.38 2.08
CA PRO A 272 23.80 -26.07 0.69
C PRO A 272 23.64 -24.58 0.46
N VAL A 273 23.97 -24.16 -0.76
CA VAL A 273 23.85 -22.76 -1.17
C VAL A 273 22.90 -22.70 -2.35
N TRP A 274 21.87 -21.90 -2.23
CA TRP A 274 20.81 -21.78 -3.24
C TRP A 274 20.99 -20.48 -4.01
N VAL A 275 21.34 -20.58 -5.31
CA VAL A 275 21.27 -19.40 -6.18
C VAL A 275 19.80 -19.18 -6.50
N GLN A 276 19.12 -18.45 -5.63
CA GLN A 276 17.67 -18.40 -5.62
C GLN A 276 17.13 -17.39 -6.65
N ALA A 277 17.96 -16.47 -7.12
CA ALA A 277 17.58 -15.55 -8.16
C ALA A 277 18.82 -15.19 -8.94
N ILE A 278 18.73 -15.31 -10.27
CA ILE A 278 19.79 -14.88 -11.18
C ILE A 278 19.14 -14.63 -12.53
N GLY A 279 19.57 -13.55 -13.18
CA GLY A 279 19.11 -13.23 -14.51
C GLY A 279 20.24 -12.57 -15.28
N ALA A 280 19.96 -12.25 -16.54
CA ALA A 280 20.91 -11.53 -17.37
C ALA A 280 20.35 -10.13 -17.63
N PRO A 281 20.58 -9.17 -16.73
CA PRO A 281 19.89 -7.88 -16.81
C PRO A 281 20.34 -7.07 -18.02
N GLY A 282 19.36 -6.67 -18.84
CA GLY A 282 19.63 -5.96 -20.08
C GLY A 282 20.22 -4.58 -19.91
N ASN A 283 20.26 -4.05 -18.69
CA ASN A 283 20.92 -2.77 -18.48
C ASN A 283 22.44 -2.88 -18.43
N VAL A 284 23.01 -4.09 -18.35
CA VAL A 284 24.46 -4.23 -18.40
C VAL A 284 24.88 -5.30 -19.39
N ILE A 285 24.05 -6.33 -19.55
CA ILE A 285 24.33 -7.43 -20.47
C ILE A 285 23.54 -7.22 -21.74
N ASP A 286 24.25 -7.09 -22.86
CA ASP A 286 23.60 -6.95 -24.15
C ASP A 286 22.65 -8.12 -24.40
N SER A 287 21.54 -7.82 -25.06
CA SER A 287 20.53 -8.84 -25.32
C SER A 287 21.10 -10.02 -26.08
N ALA A 288 22.02 -9.76 -27.00
CA ALA A 288 22.62 -10.82 -27.80
C ALA A 288 23.56 -11.71 -26.99
N ASP A 289 24.08 -11.21 -25.86
CA ASP A 289 24.98 -11.97 -25.01
C ASP A 289 24.26 -12.75 -23.93
N ALA A 290 22.99 -12.45 -23.68
CA ALA A 290 22.29 -13.04 -22.55
C ALA A 290 22.23 -14.57 -22.60
N PRO A 291 22.00 -15.23 -23.74
CA PRO A 291 22.04 -16.71 -23.73
C PRO A 291 23.37 -17.27 -23.27
N GLU A 292 24.48 -16.74 -23.79
CA GLU A 292 25.79 -17.19 -23.32
C GLU A 292 26.04 -16.77 -21.88
N PHE A 293 25.56 -15.60 -21.46
CA PHE A 293 25.66 -15.24 -20.06
C PHE A 293 24.97 -16.27 -19.19
N CYS A 294 23.80 -16.74 -19.61
CA CYS A 294 23.08 -17.75 -18.84
C CYS A 294 23.88 -19.06 -18.79
N ARG A 295 24.30 -19.55 -19.95
CA ARG A 295 24.98 -20.84 -20.00
C ARG A 295 26.26 -20.80 -19.18
N ARG A 296 27.08 -19.77 -19.37
CA ARG A 296 28.39 -19.77 -18.73
C ARG A 296 28.32 -19.41 -17.25
N SER A 297 27.34 -18.60 -16.83
CA SER A 297 27.13 -18.39 -15.40
C SER A 297 26.79 -19.71 -14.71
N ILE A 298 25.90 -20.49 -15.33
CA ILE A 298 25.53 -21.78 -14.75
C ILE A 298 26.68 -22.76 -14.83
N ASP A 299 27.49 -22.69 -15.89
CA ASP A 299 28.72 -23.49 -15.94
C ASP A 299 29.58 -23.22 -14.71
N ALA A 300 29.71 -21.94 -14.34
CA ALA A 300 30.56 -21.59 -13.20
C ALA A 300 29.95 -22.08 -11.89
N ILE A 301 28.63 -21.91 -11.73
CA ILE A 301 27.94 -22.38 -10.53
C ILE A 301 28.10 -23.89 -10.38
N ALA A 302 27.95 -24.62 -11.48
CA ALA A 302 27.97 -26.07 -11.44
C ALA A 302 29.33 -26.62 -11.01
N ASP A 303 30.38 -25.80 -11.05
CA ASP A 303 31.68 -26.22 -10.57
C ASP A 303 31.92 -25.89 -9.09
N CYS A 304 30.89 -25.44 -8.38
CA CYS A 304 30.98 -25.24 -6.94
C CYS A 304 30.25 -26.37 -6.24
N PRO A 305 30.87 -27.06 -5.29
CA PRO A 305 30.18 -28.14 -4.59
C PRO A 305 29.04 -27.60 -3.74
N ASP A 306 28.11 -28.50 -3.39
CA ASP A 306 27.05 -28.21 -2.42
C ASP A 306 26.11 -27.10 -2.88
N VAL A 307 25.89 -26.97 -4.18
CA VAL A 307 24.93 -26.00 -4.67
C VAL A 307 23.54 -26.61 -4.60
N PHE A 308 22.67 -25.98 -3.82
CA PHE A 308 21.30 -26.47 -3.66
C PHE A 308 20.55 -26.46 -4.98
N GLY A 309 20.63 -25.36 -5.71
CA GLY A 309 19.99 -25.27 -7.00
C GLY A 309 20.16 -23.88 -7.59
N VAL A 310 19.71 -23.75 -8.84
CA VAL A 310 19.68 -22.47 -9.53
C VAL A 310 18.25 -22.18 -9.94
N THR A 311 17.76 -21.00 -9.58
CA THR A 311 16.39 -20.59 -9.87
C THR A 311 16.43 -19.31 -10.70
N TRP A 312 16.10 -19.42 -11.98
CA TRP A 312 16.26 -18.30 -12.89
C TRP A 312 15.18 -17.25 -12.69
N TRP A 313 15.57 -15.97 -12.81
CA TRP A 313 14.64 -14.85 -12.81
C TRP A 313 14.52 -14.36 -14.25
N CYS A 314 13.36 -14.57 -14.88
CA CYS A 314 12.13 -15.09 -14.30
C CYS A 314 11.38 -15.86 -15.41
N SER A 315 10.15 -16.31 -15.15
CA SER A 315 9.49 -17.19 -16.11
C SER A 315 8.90 -16.43 -17.29
N HIS A 316 8.09 -15.41 -17.04
CA HIS A 316 7.31 -14.79 -18.11
C HIS A 316 7.50 -13.29 -18.09
N ARG A 317 7.82 -12.73 -19.27
CA ARG A 317 8.15 -11.32 -19.39
C ARG A 317 6.99 -10.43 -18.96
N ILE A 318 7.34 -9.28 -18.35
CA ILE A 318 6.32 -8.33 -17.92
C ILE A 318 5.65 -7.72 -19.14
N PRO A 319 4.33 -7.68 -19.23
CA PRO A 319 3.67 -7.07 -20.39
C PRO A 319 4.05 -5.59 -20.54
N SER A 320 4.13 -5.16 -21.79
CA SER A 320 4.54 -3.78 -22.08
C SER A 320 3.52 -2.74 -21.64
N ALA A 321 2.29 -3.12 -21.36
CA ALA A 321 1.29 -2.15 -20.92
C ALA A 321 1.54 -1.64 -19.50
N PHE A 322 2.39 -2.31 -18.71
CA PHE A 322 2.67 -1.91 -17.33
C PHE A 322 3.83 -0.93 -17.30
N SER A 323 3.68 0.11 -16.49
CA SER A 323 4.63 1.22 -16.47
C SER A 323 5.43 1.23 -15.17
N ASP A 324 6.52 2.01 -15.19
CA ASP A 324 7.38 2.40 -14.06
C ASP A 324 8.33 1.30 -13.61
N PHE A 325 8.38 0.15 -14.28
CA PHE A 325 9.46 -0.80 -14.07
C PHE A 325 10.76 -0.25 -14.66
N PRO A 326 11.90 -0.44 -14.00
CA PRO A 326 13.18 -0.30 -14.71
C PRO A 326 13.11 -1.13 -15.97
N PHE A 327 13.55 -0.56 -17.10
CA PHE A 327 13.25 -1.19 -18.38
C PHE A 327 13.77 -2.62 -18.45
N PHE A 328 14.97 -2.87 -17.89
CA PHE A 328 15.55 -4.21 -17.99
C PHE A 328 14.68 -5.28 -17.34
N GLU A 329 13.82 -4.89 -16.38
CA GLU A 329 12.93 -5.85 -15.74
C GLU A 329 11.98 -6.50 -16.76
N HIS A 330 11.63 -5.78 -17.84
CA HIS A 330 10.70 -6.34 -18.81
C HIS A 330 11.30 -7.50 -19.60
N GLN A 331 12.61 -7.49 -19.88
CA GLN A 331 13.19 -8.51 -20.74
C GLN A 331 13.58 -9.77 -20.00
N LEU A 332 13.51 -9.78 -18.67
CA LEU A 332 14.12 -10.87 -17.90
C LEU A 332 13.44 -12.23 -18.07
N GLY A 333 12.29 -12.30 -18.74
CA GLY A 333 11.53 -13.55 -18.80
C GLY A 333 12.10 -14.57 -19.79
N LEU A 334 11.98 -15.85 -19.40
CA LEU A 334 12.32 -16.95 -20.32
C LEU A 334 11.27 -17.14 -21.40
N PHE A 335 10.03 -16.76 -21.13
CA PHE A 335 8.97 -16.80 -22.13
C PHE A 335 8.58 -15.36 -22.47
N ASP A 336 8.45 -15.06 -23.76
CA ASP A 336 8.10 -13.73 -24.18
C ASP A 336 6.63 -13.44 -23.86
N VAL A 337 6.22 -12.18 -24.08
CA VAL A 337 4.86 -11.77 -23.74
C VAL A 337 3.83 -12.53 -24.57
N ASP A 338 4.23 -13.09 -25.71
CA ASP A 338 3.38 -13.94 -26.52
CA ASP A 338 3.34 -13.94 -26.48
C ASP A 338 3.49 -15.42 -26.14
N GLY A 339 4.25 -15.74 -25.10
CA GLY A 339 4.36 -17.11 -24.66
C GLY A 339 5.39 -17.95 -25.38
N THR A 340 6.12 -17.41 -26.36
CA THR A 340 7.12 -18.20 -27.05
C THR A 340 8.42 -18.22 -26.25
N LEU A 341 9.15 -19.32 -26.38
CA LEU A 341 10.39 -19.50 -25.61
C LEU A 341 11.46 -18.57 -26.16
N THR A 342 12.02 -17.73 -25.31
CA THR A 342 13.09 -16.84 -25.73
C THR A 342 14.41 -17.58 -25.89
N ASP A 343 15.41 -16.88 -26.42
CA ASP A 343 16.74 -17.46 -26.59
C ASP A 343 17.38 -17.78 -25.24
N VAL A 344 17.17 -16.92 -24.23
CA VAL A 344 17.67 -17.26 -22.90
C VAL A 344 16.96 -18.49 -22.37
N GLY A 345 15.64 -18.59 -22.61
CA GLY A 345 14.91 -19.78 -22.21
C GLY A 345 15.51 -21.04 -22.81
N LYS A 346 15.91 -20.97 -24.08
CA LYS A 346 16.58 -22.10 -24.70
C LYS A 346 17.89 -22.42 -24.00
N ALA A 347 18.68 -21.38 -23.70
CA ALA A 347 19.95 -21.59 -22.99
C ALA A 347 19.73 -22.22 -21.63
N PHE A 348 18.70 -21.77 -20.91
CA PHE A 348 18.43 -22.30 -19.59
C PHE A 348 17.93 -23.73 -19.68
N ARG A 349 17.01 -23.99 -20.59
CA ARG A 349 16.61 -25.37 -20.87
C ARG A 349 17.84 -26.24 -21.13
N ASP A 350 18.73 -25.78 -22.01
CA ASP A 350 19.91 -26.56 -22.35
C ASP A 350 20.87 -26.68 -21.19
N ALA A 351 20.92 -25.67 -20.32
CA ALA A 351 21.80 -25.75 -19.16
C ALA A 351 21.30 -26.80 -18.17
N ILE A 352 19.99 -26.90 -17.98
CA ILE A 352 19.45 -27.96 -17.15
C ILE A 352 19.89 -29.33 -17.67
N ALA A 353 19.73 -29.57 -18.97
CA ALA A 353 20.12 -30.86 -19.53
C ALA A 353 21.62 -31.08 -19.40
N THR A 354 22.42 -30.03 -19.63
CA THR A 354 23.87 -30.18 -19.51
C THR A 354 24.27 -30.59 -18.09
N HIS A 355 23.68 -29.95 -17.08
CA HIS A 355 24.15 -30.11 -15.71
C HIS A 355 23.22 -30.94 -14.83
N ARG A 356 22.33 -31.74 -15.44
CA ARG A 356 21.45 -32.62 -14.68
C ARG A 356 22.24 -33.44 -13.67
N ASP A 357 23.37 -34.00 -14.08
CA ASP A 357 24.15 -34.91 -13.25
C ASP A 357 25.53 -34.37 -12.91
N THR A 358 25.76 -33.07 -13.04
CA THR A 358 27.06 -32.49 -12.73
C THR A 358 27.33 -32.54 -11.23
N VAL A 359 28.46 -33.12 -10.85
CA VAL A 359 28.95 -33.14 -9.47
C VAL A 359 30.25 -32.37 -9.44
N ALA A 360 30.31 -31.31 -8.64
CA ALA A 360 31.51 -30.49 -8.59
C ALA A 360 32.54 -31.09 -7.64
N PRO A 361 33.79 -31.23 -8.06
CA PRO A 361 34.84 -31.73 -7.15
C PRO A 361 35.11 -30.75 -6.04
N PRO A 362 35.69 -31.19 -4.92
CA PRO A 362 36.02 -30.25 -3.83
C PRO A 362 36.95 -29.13 -4.27
N ARG A 363 36.79 -27.97 -3.65
CA ARG A 363 37.70 -26.84 -3.84
C ARG A 363 38.64 -26.73 -2.64
N THR A 364 39.95 -26.65 -2.92
CA THR A 364 40.95 -26.81 -1.88
C THR A 364 41.82 -25.59 -1.66
N THR A 365 41.88 -24.65 -2.59
CA THR A 365 42.64 -23.41 -2.41
C THR A 365 41.68 -22.31 -1.99
N ALA A 366 41.97 -21.67 -0.86
CA ALA A 366 41.06 -20.70 -0.27
C ALA A 366 41.72 -19.33 -0.16
N ILE A 367 40.96 -18.31 -0.54
CA ILE A 367 41.29 -16.94 -0.15
C ILE A 367 40.71 -16.69 1.24
N VAL A 368 41.37 -15.83 2.02
CA VAL A 368 41.04 -15.62 3.42
C VAL A 368 40.38 -14.27 3.58
N ILE A 369 39.21 -14.23 4.21
CA ILE A 369 38.52 -12.97 4.53
C ILE A 369 38.87 -12.58 5.96
N PRO A 370 39.51 -11.44 6.20
CA PRO A 370 39.75 -11.02 7.59
C PRO A 370 38.44 -10.64 8.25
N VAL A 371 38.20 -11.18 9.46
CA VAL A 371 36.99 -10.93 10.21
C VAL A 371 37.34 -10.60 11.65
N ASP A 372 36.38 -9.96 12.37
CA ASP A 372 36.57 -9.67 13.78
C ASP A 372 36.22 -10.91 14.62
N GLU A 373 36.24 -10.78 15.95
CA GLU A 373 36.01 -11.94 16.81
C GLU A 373 34.59 -12.49 16.68
N GLN A 374 33.67 -11.72 16.12
CA GLN A 374 32.31 -12.22 15.87
C GLN A 374 32.16 -12.84 14.49
N GLY A 375 33.23 -12.94 13.72
CA GLY A 375 33.13 -13.50 12.38
C GLY A 375 32.56 -12.57 11.34
N ASP A 376 32.57 -11.25 11.61
CA ASP A 376 32.07 -10.30 10.61
C ASP A 376 33.23 -9.62 9.89
N PRO A 377 33.09 -9.35 8.59
CA PRO A 377 34.21 -8.77 7.82
C PRO A 377 34.74 -7.49 8.44
N LEU A 378 36.06 -7.36 8.43
CA LEU A 378 36.66 -6.08 8.81
C LEU A 378 36.28 -4.98 7.82
N MET A 379 36.13 -5.33 6.55
CA MET A 379 35.81 -4.33 5.52
C MET A 379 35.06 -5.04 4.39
N ARG A 380 33.73 -4.87 4.36
CA ARG A 380 32.96 -5.52 3.31
C ARG A 380 33.28 -4.98 1.92
N ALA A 381 33.73 -3.71 1.83
CA ALA A 381 34.09 -3.14 0.53
C ALA A 381 35.21 -3.94 -0.15
N ALA A 382 36.05 -4.63 0.62
CA ALA A 382 37.12 -5.42 0.03
C ALA A 382 36.62 -6.70 -0.64
N GLN A 383 35.42 -7.18 -0.28
CA GLN A 383 34.86 -8.34 -0.98
C GLN A 383 33.75 -7.93 -1.94
N ALA A 384 33.49 -6.63 -2.09
CA ALA A 384 32.59 -6.07 -3.08
C ALA A 384 33.33 -5.91 -4.40
N PRO A 385 32.59 -5.73 -5.51
CA PRO A 385 33.26 -5.48 -6.80
C PRO A 385 34.27 -4.34 -6.70
N GLY A 386 35.45 -4.57 -7.27
CA GLY A 386 36.56 -3.64 -7.17
C GLY A 386 37.48 -3.88 -6.00
N GLY A 387 37.08 -4.70 -5.02
CA GLY A 387 37.90 -4.92 -3.85
C GLY A 387 38.97 -6.00 -4.06
N SER A 388 39.96 -5.96 -3.16
CA SER A 388 41.10 -6.86 -3.30
C SER A 388 40.68 -8.33 -3.17
N LEU A 389 39.76 -8.61 -2.25
CA LEU A 389 39.36 -10.01 -2.05
C LEU A 389 38.49 -10.48 -3.21
N PHE A 390 37.56 -9.63 -3.65
CA PHE A 390 36.76 -9.91 -4.85
C PHE A 390 37.66 -10.28 -6.03
N GLU A 391 38.66 -9.45 -6.31
CA GLU A 391 39.49 -9.70 -7.49
C GLU A 391 40.41 -10.90 -7.28
N ALA A 392 40.81 -11.16 -6.04
CA ALA A 392 41.67 -12.32 -5.80
C ALA A 392 40.96 -13.62 -6.16
N TRP A 393 39.69 -13.75 -5.77
CA TRP A 393 38.92 -14.95 -6.10
C TRP A 393 38.70 -15.05 -7.61
N ALA A 394 38.30 -13.95 -8.24
CA ALA A 394 38.04 -13.97 -9.68
C ALA A 394 39.29 -14.30 -10.47
N ASN A 395 40.44 -13.74 -10.07
CA ASN A 395 41.69 -14.01 -10.76
C ASN A 395 42.08 -15.48 -10.64
N LEU A 396 41.95 -16.05 -9.44
CA LEU A 396 42.24 -17.47 -9.25
C LEU A 396 41.28 -18.34 -10.05
N ASN A 397 40.02 -17.92 -10.14
CA ASN A 397 39.06 -18.70 -10.92
C ASN A 397 39.41 -18.66 -12.41
N ARG A 398 39.70 -17.46 -12.93
CA ARG A 398 40.12 -17.35 -14.32
C ARG A 398 41.35 -18.19 -14.61
N GLN A 399 42.23 -18.36 -13.61
CA GLN A 399 43.43 -19.17 -13.76
C GLN A 399 43.16 -20.67 -13.64
N GLY A 400 41.91 -21.08 -13.45
CA GLY A 400 41.62 -22.50 -13.32
C GLY A 400 41.91 -23.09 -11.96
N GLU A 401 42.09 -22.25 -10.94
CA GLU A 401 42.46 -22.68 -9.61
C GLU A 401 41.28 -23.07 -8.73
N ARG A 402 40.06 -22.87 -9.21
CA ARG A 402 38.85 -23.28 -8.50
C ARG A 402 38.89 -22.88 -7.02
N PRO A 403 39.02 -21.58 -6.73
CA PRO A 403 39.22 -21.17 -5.34
C PRO A 403 37.96 -21.28 -4.50
N CYS A 404 38.15 -21.55 -3.22
CA CYS A 404 37.09 -21.35 -2.24
C CYS A 404 37.45 -20.16 -1.33
N VAL A 405 36.68 -19.97 -0.26
CA VAL A 405 36.81 -18.81 0.61
C VAL A 405 36.60 -19.25 2.06
N ILE A 406 37.44 -18.73 2.98
CA ILE A 406 37.31 -18.95 4.42
C ILE A 406 37.57 -17.62 5.11
N THR A 407 37.20 -17.53 6.39
CA THR A 407 37.52 -16.36 7.20
C THR A 407 38.84 -16.56 7.93
N SER A 408 39.37 -15.46 8.49
CA SER A 408 40.62 -15.55 9.24
C SER A 408 40.46 -16.37 10.52
N LEU A 409 39.28 -16.37 11.12
CA LEU A 409 39.05 -17.26 12.26
C LEU A 409 39.18 -18.71 11.82
N ASP A 410 38.61 -19.06 10.66
CA ASP A 410 38.72 -20.44 10.17
C ASP A 410 40.15 -20.78 9.81
N ALA A 411 40.92 -19.81 9.30
CA ALA A 411 42.29 -20.10 8.91
C ALA A 411 43.13 -20.56 10.10
N GLY A 412 42.80 -20.07 11.29
CA GLY A 412 43.55 -20.45 12.49
C GLY A 412 42.87 -21.57 13.26
N ASN A 413 42.04 -22.35 12.60
CA ASN A 413 41.37 -23.49 13.23
C ASN A 413 41.61 -24.73 12.39
N PRO A 414 42.50 -25.63 12.82
CA PRO A 414 42.84 -26.79 11.98
C PRO A 414 41.67 -27.74 11.79
N ALA A 415 40.73 -27.78 12.74
CA ALA A 415 39.56 -28.64 12.60
C ALA A 415 38.64 -28.17 11.48
N LYS A 416 38.34 -26.87 11.43
CA LYS A 416 37.49 -26.35 10.37
C LYS A 416 38.15 -26.55 9.00
N LEU A 417 39.45 -26.26 8.90
CA LEU A 417 40.18 -26.50 7.67
C LEU A 417 40.09 -27.97 7.24
N ALA A 418 40.22 -28.88 8.21
CA ALA A 418 40.14 -30.31 7.90
C ALA A 418 38.76 -30.68 7.36
N ASN A 419 37.70 -30.20 8.02
CA ASN A 419 36.33 -30.54 7.63
C ASN A 419 36.01 -30.10 6.21
N ARG A 420 36.63 -29.02 5.73
CA ARG A 420 36.39 -28.52 4.40
C ARG A 420 37.44 -28.97 3.38
N GLY A 421 38.47 -29.69 3.81
CA GLY A 421 39.49 -30.17 2.87
C GLY A 421 40.39 -29.08 2.37
N ILE A 422 40.55 -28.02 3.14
CA ILE A 422 41.36 -26.89 2.73
C ILE A 422 42.83 -27.25 2.89
N VAL A 423 43.60 -27.12 1.82
CA VAL A 423 45.02 -27.47 1.87
C VAL A 423 45.93 -26.29 1.58
N ARG A 424 45.40 -25.18 1.07
CA ARG A 424 46.25 -24.07 0.64
C ARG A 424 45.52 -22.75 0.86
N LEU A 425 46.18 -21.77 1.47
CA LEU A 425 45.57 -20.49 1.82
C LEU A 425 46.29 -19.35 1.09
N GLU A 426 45.51 -18.46 0.47
CA GLU A 426 46.06 -17.27 -0.15
C GLU A 426 45.49 -16.04 0.52
N ARG A 427 46.39 -15.14 0.89
CA ARG A 427 46.04 -13.92 1.61
C ARG A 427 46.37 -12.71 0.76
N VAL A 428 45.52 -11.68 0.84
CA VAL A 428 45.76 -10.42 0.16
C VAL A 428 45.43 -9.32 1.16
N GLU A 429 46.12 -8.18 1.03
CA GLU A 429 45.79 -7.07 1.91
C GLU A 429 44.43 -6.50 1.55
N LEU A 430 43.81 -5.85 2.52
CA LEU A 430 42.49 -5.27 2.32
C LEU A 430 42.63 -3.99 1.51
N VAL A 431 42.01 -3.98 0.34
CA VAL A 431 41.93 -2.81 -0.50
C VAL A 431 40.46 -2.63 -0.82
N ALA A 432 39.90 -1.52 -0.40
CA ALA A 432 38.48 -1.29 -0.61
C ALA A 432 38.20 -1.10 -2.08
N GLY A 433 37.08 -1.61 -2.53
CA GLY A 433 36.57 -1.27 -3.83
C GLY A 433 35.61 -0.10 -3.77
N HIS A 434 35.40 0.55 -4.89
CA HIS A 434 34.38 1.59 -4.98
C HIS A 434 33.44 1.37 -6.16
N ALA A 435 33.53 0.22 -6.85
CA ALA A 435 32.68 -0.01 -8.00
C ALA A 435 31.25 -0.39 -7.62
N TYR A 436 31.01 -0.79 -6.38
CA TYR A 436 29.72 -1.32 -5.98
C TYR A 436 28.60 -0.29 -6.08
N HIS B 20 -36.13 19.50 -0.94
CA HIS B 20 -35.98 18.97 0.42
C HIS B 20 -34.63 18.24 0.57
N MET B 21 -34.14 18.13 1.81
CA MET B 21 -32.86 17.48 2.07
C MET B 21 -32.90 16.00 1.73
N LYS B 22 -31.82 15.50 1.14
CA LYS B 22 -31.58 14.08 1.02
C LYS B 22 -31.00 13.53 2.33
N PHE B 23 -31.29 12.25 2.60
CA PHE B 23 -30.77 11.56 3.76
C PHE B 23 -30.12 10.26 3.31
N GLY B 24 -28.88 10.05 3.73
CA GLY B 24 -28.14 8.89 3.27
C GLY B 24 -27.16 8.44 4.33
N VAL B 25 -26.39 7.41 3.98
CA VAL B 25 -25.42 6.82 4.90
C VAL B 25 -24.15 6.53 4.14
N ASN B 26 -23.01 6.77 4.79
CA ASN B 26 -21.72 6.31 4.29
C ASN B 26 -21.58 4.82 4.53
N TYR B 27 -21.29 4.06 3.48
CA TYR B 27 -21.46 2.61 3.55
C TYR B 27 -20.14 1.94 3.95
N THR B 28 -20.11 1.39 5.17
CA THR B 28 -19.01 0.56 5.61
C THR B 28 -19.49 -0.89 5.59
N PRO B 29 -18.94 -1.74 4.73
CA PRO B 29 -19.48 -3.11 4.61
C PRO B 29 -19.40 -3.88 5.93
N SER B 30 -20.49 -4.56 6.29
CA SER B 30 -20.50 -5.32 7.53
C SER B 30 -19.49 -6.47 7.44
N GLY B 31 -19.00 -6.86 8.61
CA GLY B 31 -18.18 -8.06 8.64
C GLY B 31 -16.75 -7.96 8.20
N GLU B 32 -16.48 -7.33 7.05
CA GLU B 32 -15.11 -7.21 6.56
C GLU B 32 -14.67 -5.77 6.26
N TRP B 33 -15.54 -4.80 6.50
CA TRP B 33 -15.18 -3.37 6.25
C TRP B 33 -14.75 -3.25 4.78
N PHE B 34 -13.88 -2.30 4.44
CA PHE B 34 -13.45 -2.18 3.04
C PHE B 34 -12.47 -3.26 2.64
N TYR B 35 -12.02 -4.10 3.58
CA TYR B 35 -11.27 -5.28 3.18
C TYR B 35 -12.13 -6.26 2.39
N THR B 36 -13.44 -6.09 2.40
CA THR B 36 -14.30 -6.98 1.62
C THR B 36 -14.11 -6.82 0.13
N TRP B 37 -13.47 -5.74 -0.34
CA TRP B 37 -13.31 -5.55 -1.79
C TRP B 37 -12.44 -6.63 -2.44
N LEU B 38 -11.54 -7.28 -1.68
CA LEU B 38 -10.76 -8.36 -2.30
C LEU B 38 -11.69 -9.50 -2.75
N ASN B 39 -12.69 -9.82 -1.95
CA ASN B 39 -13.60 -10.93 -2.28
C ASN B 39 -14.99 -10.64 -1.74
N PRO B 40 -15.73 -9.74 -2.39
CA PRO B 40 -17.00 -9.26 -1.80
C PRO B 40 -17.99 -10.39 -1.59
N LYS B 41 -18.72 -10.33 -0.47
CA LYS B 41 -19.76 -11.30 -0.15
C LYS B 41 -21.09 -10.66 -0.56
N TRP B 42 -21.49 -10.88 -1.81
CA TRP B 42 -22.59 -10.08 -2.36
C TRP B 42 -23.90 -10.29 -1.61
N GLU B 43 -24.15 -11.50 -1.07
CA GLU B 43 -25.37 -11.72 -0.30
C GLU B 43 -25.37 -10.91 0.99
N VAL B 44 -24.20 -10.74 1.63
CA VAL B 44 -24.13 -9.88 2.80
C VAL B 44 -24.28 -8.41 2.41
N ILE B 45 -23.61 -8.01 1.33
CA ILE B 45 -23.71 -6.63 0.86
C ILE B 45 -25.14 -6.28 0.46
N ARG B 46 -25.84 -7.21 -0.22
CA ARG B 46 -27.24 -6.96 -0.52
C ARG B 46 -28.03 -6.69 0.76
N ARG B 47 -27.78 -7.49 1.81
CA ARG B 47 -28.45 -7.29 3.09
CA ARG B 47 -28.46 -7.29 3.08
C ARG B 47 -28.07 -5.98 3.75
N ASP B 48 -26.77 -5.66 3.76
CA ASP B 48 -26.30 -4.36 4.27
C ASP B 48 -27.09 -3.21 3.66
N LEU B 49 -27.17 -3.19 2.32
CA LEU B 49 -27.83 -2.08 1.63
C LEU B 49 -29.33 -2.07 1.88
N ALA B 50 -29.96 -3.26 1.99
CA ALA B 50 -31.37 -3.31 2.34
C ALA B 50 -31.63 -2.70 3.71
N GLN B 51 -30.74 -2.97 4.68
CA GLN B 51 -30.89 -2.36 6.00
C GLN B 51 -30.82 -0.84 5.94
N ILE B 52 -29.89 -0.31 5.16
CA ILE B 52 -29.79 1.14 5.02
C ILE B 52 -31.10 1.70 4.47
N ALA B 53 -31.64 1.08 3.44
CA ALA B 53 -32.91 1.55 2.87
C ALA B 53 -34.04 1.51 3.89
N GLU B 54 -34.06 0.48 4.74
CA GLU B 54 -35.08 0.36 5.78
C GLU B 54 -35.11 1.55 6.73
N LEU B 55 -34.00 2.29 6.86
CA LEU B 55 -34.00 3.47 7.72
C LEU B 55 -34.82 4.61 7.14
N GLY B 56 -35.19 4.52 5.86
CA GLY B 56 -35.74 5.65 5.13
C GLY B 56 -34.72 6.45 4.37
N ALA B 57 -33.46 5.99 4.33
CA ALA B 57 -32.41 6.68 3.57
C ALA B 57 -32.70 6.61 2.08
N ASP B 58 -32.36 7.68 1.36
CA ASP B 58 -32.54 7.65 -0.09
C ASP B 58 -31.23 7.47 -0.84
N HIS B 59 -30.06 7.51 -0.17
CA HIS B 59 -28.80 7.31 -0.89
C HIS B 59 -27.74 6.70 0.01
N VAL B 60 -26.70 6.16 -0.63
CA VAL B 60 -25.46 5.75 0.03
C VAL B 60 -24.29 6.35 -0.71
N ARG B 61 -23.19 6.49 0.02
CA ARG B 61 -21.89 6.87 -0.50
C ARG B 61 -20.96 5.68 -0.29
N ILE B 62 -20.24 5.26 -1.33
CA ILE B 62 -19.43 4.05 -1.28
C ILE B 62 -17.99 4.39 -1.65
N PHE B 63 -17.08 3.49 -1.25
CA PHE B 63 -15.64 3.77 -1.23
C PHE B 63 -14.83 2.59 -1.74
N PRO B 64 -14.58 2.51 -3.05
CA PRO B 64 -13.57 1.56 -3.53
C PRO B 64 -12.16 2.01 -3.15
N LEU B 65 -11.21 1.07 -3.23
CA LEU B 65 -9.84 1.32 -2.81
C LEU B 65 -8.94 1.53 -4.01
N TRP B 66 -8.13 2.60 -3.96
CA TRP B 66 -7.25 2.97 -5.07
C TRP B 66 -6.24 1.86 -5.37
N THR B 67 -5.74 1.21 -4.31
CA THR B 67 -4.75 0.15 -4.44
C THR B 67 -5.28 -1.04 -5.24
N LEU B 68 -6.58 -1.32 -5.12
CA LEU B 68 -7.18 -2.43 -5.90
C LEU B 68 -7.61 -1.98 -7.28
N LEU B 69 -8.10 -0.74 -7.40
CA LEU B 69 -8.57 -0.26 -8.70
C LEU B 69 -7.43 -0.10 -9.70
N GLN B 70 -6.29 0.44 -9.25
CA GLN B 70 -5.25 0.89 -10.18
C GLN B 70 -3.90 0.42 -9.66
N PRO B 71 -3.62 -0.88 -9.75
CA PRO B 71 -2.37 -1.42 -9.16
C PRO B 71 -1.13 -1.08 -9.96
N ASN B 72 -1.28 -0.57 -11.18
CA ASN B 72 -0.18 -0.07 -11.98
C ASN B 72 -0.60 1.29 -12.56
N ARG B 73 0.38 2.18 -12.80
CA ARG B 73 0.00 3.51 -13.28
C ARG B 73 -0.79 3.43 -14.58
N THR B 74 -0.49 2.44 -15.43
CA THR B 74 -1.19 2.29 -16.70
C THR B 74 -1.96 0.98 -16.79
N TRP B 75 -2.49 0.49 -15.67
CA TRP B 75 -3.43 -0.62 -15.77
C TRP B 75 -4.49 -0.52 -14.68
N ILE B 76 -5.75 -0.34 -15.08
CA ILE B 76 -6.87 -0.36 -14.15
C ILE B 76 -7.48 -1.75 -14.18
N ASN B 77 -7.68 -2.34 -13.00
CA ASN B 77 -8.12 -3.71 -12.81
C ASN B 77 -9.59 -3.86 -13.19
N PRO B 78 -9.92 -4.60 -14.26
CA PRO B 78 -11.34 -4.70 -14.65
C PRO B 78 -12.24 -5.32 -13.60
N LYS B 79 -11.73 -6.25 -12.78
CA LYS B 79 -12.57 -6.87 -11.77
C LYS B 79 -12.94 -5.84 -10.70
N ALA B 80 -12.00 -4.99 -10.33
CA ALA B 80 -12.31 -3.95 -9.36
C ALA B 80 -13.40 -3.02 -9.87
N LEU B 81 -13.33 -2.63 -11.16
CA LEU B 81 -14.41 -1.83 -11.75
C LEU B 81 -15.73 -2.58 -11.76
N ALA B 82 -15.71 -3.86 -12.16
CA ALA B 82 -16.96 -4.62 -12.16
C ALA B 82 -17.54 -4.77 -10.76
N ASP B 83 -16.67 -4.86 -9.73
CA ASP B 83 -17.17 -4.94 -8.35
C ASP B 83 -17.82 -3.63 -7.93
N VAL B 84 -17.24 -2.50 -8.34
CA VAL B 84 -17.90 -1.21 -8.07
C VAL B 84 -19.25 -1.17 -8.75
N ARG B 85 -19.29 -1.60 -10.02
CA ARG B 85 -20.56 -1.67 -10.74
C ARG B 85 -21.59 -2.52 -9.99
N ARG B 86 -21.16 -3.67 -9.47
CA ARG B 86 -22.11 -4.57 -8.82
C ARG B 86 -22.62 -3.95 -7.52
N MET B 87 -21.76 -3.24 -6.78
CA MET B 87 -22.24 -2.61 -5.55
C MET B 87 -23.26 -1.53 -5.86
N VAL B 88 -22.99 -0.71 -6.88
CA VAL B 88 -23.98 0.28 -7.33
C VAL B 88 -25.27 -0.39 -7.75
N GLU B 89 -25.17 -1.46 -8.54
CA GLU B 89 -26.36 -2.18 -8.97
C GLU B 89 -27.19 -2.64 -7.77
N LEU B 90 -26.53 -3.19 -6.74
CA LEU B 90 -27.25 -3.65 -5.54
C LEU B 90 -27.83 -2.48 -4.75
N GLY B 91 -27.11 -1.35 -4.71
CA GLY B 91 -27.69 -0.14 -4.12
C GLY B 91 -29.00 0.25 -4.78
N GLY B 92 -29.03 0.25 -6.12
CA GLY B 92 -30.28 0.56 -6.83
C GLY B 92 -31.39 -0.43 -6.54
N GLU B 93 -31.08 -1.73 -6.53
CA GLU B 93 -32.11 -2.71 -6.26
C GLU B 93 -32.68 -2.58 -4.86
N ALA B 94 -31.91 -2.01 -3.94
CA ALA B 94 -32.42 -1.67 -2.61
C ALA B 94 -33.22 -0.37 -2.59
N GLY B 95 -33.29 0.35 -3.71
CA GLY B 95 -33.99 1.62 -3.76
C GLY B 95 -33.14 2.82 -3.40
N LEU B 96 -31.82 2.73 -3.52
CA LEU B 96 -30.90 3.80 -3.14
C LEU B 96 -30.22 4.39 -4.37
N ASP B 97 -30.07 5.72 -4.38
CA ASP B 97 -29.09 6.35 -5.24
C ASP B 97 -27.70 6.10 -4.65
N VAL B 98 -26.71 5.98 -5.51
CA VAL B 98 -25.37 5.63 -5.07
C VAL B 98 -24.40 6.70 -5.55
N TYR B 99 -23.69 7.29 -4.58
CA TYR B 99 -22.57 8.19 -4.84
C TYR B 99 -21.27 7.44 -4.61
N VAL B 100 -20.32 7.63 -5.53
CA VAL B 100 -19.05 6.91 -5.50
C VAL B 100 -17.90 7.89 -5.30
N ASP B 101 -17.05 7.64 -4.31
CA ASP B 101 -15.81 8.39 -4.14
C ASP B 101 -14.71 7.69 -4.94
N VAL B 102 -14.04 8.42 -5.82
CA VAL B 102 -13.15 7.76 -6.78
C VAL B 102 -11.84 7.29 -6.13
N ILE B 103 -11.19 8.14 -5.33
CA ILE B 103 -9.80 7.93 -4.93
C ILE B 103 -9.69 7.83 -3.40
N GLN B 104 -9.61 6.60 -2.88
CA GLN B 104 -9.21 6.31 -1.49
C GLN B 104 -7.94 5.46 -1.56
N GLY B 105 -6.78 6.05 -1.29
CA GLY B 105 -6.67 7.39 -0.75
C GLY B 105 -6.69 7.28 0.75
N HIS B 106 -7.68 7.93 1.39
CA HIS B 106 -7.71 7.96 2.85
C HIS B 106 -9.05 7.52 3.39
N LEU B 107 -9.03 6.60 4.36
CA LEU B 107 -10.22 6.18 5.09
C LEU B 107 -9.87 5.90 6.54
N SER B 108 -10.52 6.58 7.48
CA SER B 108 -10.52 6.20 8.90
C SER B 108 -9.11 5.92 9.45
N SER B 109 -8.20 6.87 9.21
CA SER B 109 -6.82 6.95 9.73
C SER B 109 -5.82 6.20 8.85
N PHE B 110 -6.26 5.48 7.80
CA PHE B 110 -5.40 4.65 6.96
C PHE B 110 -5.23 5.25 5.57
N ASP B 111 -4.01 5.18 5.05
CA ASP B 111 -3.78 5.57 3.66
C ASP B 111 -3.69 4.32 2.80
N PHE B 112 -4.28 4.39 1.61
CA PHE B 112 -4.26 3.33 0.61
C PHE B 112 -3.67 3.96 -0.65
N VAL B 113 -2.36 3.80 -0.82
CA VAL B 113 -1.65 4.42 -1.93
C VAL B 113 -1.00 3.31 -2.76
N PRO B 114 -1.27 3.25 -4.06
CA PRO B 114 -0.73 2.15 -4.88
C PRO B 114 0.78 2.13 -4.84
N SER B 115 1.35 0.93 -5.06
CA SER B 115 2.80 0.72 -5.01
C SER B 115 3.56 1.65 -5.95
N TRP B 116 2.96 2.08 -7.06
CA TRP B 116 3.68 2.92 -8.01
C TRP B 116 3.72 4.38 -7.59
N LEU B 117 3.19 4.72 -6.42
CA LEU B 117 3.32 6.06 -5.87
C LEU B 117 3.93 6.05 -4.46
N VAL B 118 4.65 4.97 -4.11
CA VAL B 118 5.22 4.72 -2.78
C VAL B 118 6.74 4.55 -2.86
N SER B 119 7.43 4.97 -1.79
CA SER B 119 8.85 4.78 -1.49
C SER B 119 9.75 5.00 -2.70
N TRP B 120 10.23 3.90 -3.33
CA TRP B 120 11.06 4.04 -4.53
C TRP B 120 10.34 4.80 -5.63
N HIS B 121 9.01 4.84 -5.59
CA HIS B 121 8.21 5.50 -6.62
C HIS B 121 7.42 6.65 -6.02
N GLU B 122 7.86 7.16 -4.87
CA GLU B 122 7.07 8.15 -4.14
C GLU B 122 6.82 9.37 -5.01
N GLY B 123 5.59 9.85 -4.99
CA GLY B 123 5.27 11.04 -5.74
C GLY B 123 4.05 11.71 -5.14
N SER B 124 3.83 12.96 -5.58
CA SER B 124 2.69 13.75 -5.15
C SER B 124 1.54 13.56 -6.13
N MET B 125 0.39 13.12 -5.63
CA MET B 125 -0.77 13.00 -6.52
C MET B 125 -1.23 14.35 -7.05
N PHE B 126 -0.81 15.45 -6.40
CA PHE B 126 -1.25 16.77 -6.79
C PHE B 126 -0.39 17.43 -7.86
N THR B 127 0.86 17.02 -8.01
CA THR B 127 1.76 17.73 -8.92
C THR B 127 2.48 16.83 -9.93
N ASP B 128 2.58 15.53 -9.70
CA ASP B 128 3.26 14.66 -10.64
C ASP B 128 2.34 14.46 -11.84
N GLN B 129 2.77 14.94 -13.00
CA GLN B 129 1.90 14.91 -14.18
C GLN B 129 1.47 13.48 -14.53
N SER B 130 2.38 12.51 -14.42
CA SER B 130 2.00 11.14 -14.77
CA SER B 130 1.99 11.14 -14.77
C SER B 130 0.97 10.59 -13.79
N ALA B 131 1.10 10.94 -12.51
CA ALA B 131 0.10 10.54 -11.52
C ALA B 131 -1.25 11.19 -11.78
N ILE B 132 -1.24 12.47 -12.18
CA ILE B 132 -2.50 13.16 -12.49
C ILE B 132 -3.18 12.49 -13.68
N GLU B 133 -2.42 12.12 -14.71
CA GLU B 133 -2.99 11.42 -15.85
C GLU B 133 -3.55 10.06 -15.46
N ALA B 134 -2.93 9.38 -14.48
CA ALA B 134 -3.49 8.13 -13.97
C ALA B 134 -4.79 8.37 -13.21
N GLN B 135 -4.84 9.41 -12.36
CA GLN B 135 -6.08 9.74 -11.66
C GLN B 135 -7.18 10.16 -12.64
N SER B 136 -6.81 10.87 -13.71
CA SER B 136 -7.77 11.18 -14.77
C SER B 136 -8.33 9.91 -15.40
N ALA B 137 -7.45 8.97 -15.72
CA ALA B 137 -7.93 7.72 -16.34
C ALA B 137 -8.87 6.96 -15.42
N LEU B 138 -8.59 7.00 -14.11
CA LEU B 138 -9.42 6.26 -13.16
C LEU B 138 -10.78 6.91 -12.98
N THR B 139 -10.81 8.24 -12.90
CA THR B 139 -12.06 8.99 -12.86
C THR B 139 -12.92 8.68 -14.08
N GLU B 140 -12.31 8.70 -15.28
CA GLU B 140 -13.05 8.37 -16.50
C GLU B 140 -13.51 6.92 -16.51
N ALA B 141 -12.68 6.01 -15.98
CA ALA B 141 -13.06 4.59 -16.01
C ALA B 141 -14.21 4.32 -15.06
N ILE B 142 -14.22 4.98 -13.91
CA ILE B 142 -15.31 4.81 -12.97
C ILE B 142 -16.60 5.39 -13.55
N TYR B 143 -16.55 6.63 -14.07
CA TYR B 143 -17.76 7.20 -14.65
C TYR B 143 -18.28 6.33 -15.78
N GLY B 144 -17.40 5.95 -16.71
CA GLY B 144 -17.83 5.20 -17.87
C GLY B 144 -18.38 3.82 -17.50
N THR B 145 -17.77 3.19 -16.48
CA THR B 145 -18.26 1.89 -16.01
C THR B 145 -19.69 2.00 -15.50
N LEU B 146 -20.01 3.10 -14.86
CA LEU B 146 -21.28 3.27 -14.16
C LEU B 146 -22.32 4.08 -14.95
N SER B 147 -21.95 4.61 -16.11
CA SER B 147 -22.75 5.70 -16.69
C SER B 147 -24.13 5.24 -17.15
N ASP B 148 -24.33 3.95 -17.44
CA ASP B 148 -25.62 3.43 -17.88
C ASP B 148 -26.58 3.11 -16.73
N MET B 149 -26.21 3.36 -15.49
CA MET B 149 -26.96 2.86 -14.35
C MET B 149 -27.90 3.93 -13.81
N LYS B 150 -29.18 3.59 -13.75
CA LYS B 150 -30.16 4.52 -13.21
C LYS B 150 -29.80 4.95 -11.78
N ALA B 151 -29.16 4.07 -11.02
CA ALA B 151 -28.89 4.33 -9.61
C ALA B 151 -27.62 5.13 -9.36
N PHE B 152 -26.74 5.25 -10.36
CA PHE B 152 -25.49 6.00 -10.20
C PHE B 152 -25.81 7.50 -10.19
N ALA B 153 -25.59 8.14 -9.04
CA ALA B 153 -26.04 9.51 -8.86
C ALA B 153 -24.92 10.53 -8.99
N GLY B 154 -23.67 10.12 -8.82
CA GLY B 154 -22.60 11.08 -8.97
C GLY B 154 -21.33 10.57 -8.32
N LEU B 155 -20.28 11.39 -8.45
CA LEU B 155 -18.92 11.07 -8.05
C LEU B 155 -18.38 12.18 -7.18
N THR B 156 -17.60 11.80 -6.16
CA THR B 156 -16.69 12.70 -5.45
C THR B 156 -15.26 12.28 -5.78
N LEU B 157 -14.35 13.25 -6.01
CA LEU B 157 -13.00 12.88 -6.40
C LEU B 157 -12.38 11.88 -5.44
N GLY B 158 -12.63 12.05 -4.14
CA GLY B 158 -12.12 11.11 -3.17
C GLY B 158 -12.27 11.66 -1.76
N ASN B 159 -12.21 10.78 -0.79
CA ASN B 159 -12.49 11.13 0.60
C ASN B 159 -11.32 11.91 1.18
N GLU B 160 -11.54 13.21 1.44
CA GLU B 160 -10.60 14.04 2.21
C GLU B 160 -9.19 13.96 1.65
N CYS B 161 -9.07 14.03 0.32
CA CYS B 161 -7.76 13.92 -0.32
C CYS B 161 -6.82 15.01 0.17
N ASN B 162 -7.35 16.14 0.64
CA ASN B 162 -6.45 17.22 1.11
C ASN B 162 -5.56 16.79 2.26
N GLN B 163 -5.94 15.75 3.02
CA GLN B 163 -5.09 15.33 4.14
C GLN B 163 -3.70 14.91 3.68
N PHE B 164 -3.56 14.47 2.42
CA PHE B 164 -2.24 14.09 1.89
C PHE B 164 -1.27 15.27 1.76
N THR B 165 -1.76 16.50 1.53
CA THR B 165 -0.89 17.64 1.30
C THR B 165 -0.70 18.48 2.56
N ASP B 166 -1.45 18.20 3.63
CA ASP B 166 -1.29 19.03 4.82
C ASP B 166 0.08 18.84 5.46
N ALA B 167 0.57 19.92 6.09
CA ALA B 167 1.88 19.86 6.73
C ALA B 167 1.96 18.78 7.81
N THR B 168 0.83 18.37 8.38
CA THR B 168 0.82 17.31 9.38
C THR B 168 1.05 15.90 8.80
N HIS B 169 0.94 15.72 7.49
CA HIS B 169 0.96 14.33 6.97
C HIS B 169 2.38 13.77 7.02
N PRO B 170 2.56 12.53 7.52
CA PRO B 170 3.91 11.99 7.72
C PRO B 170 4.60 11.55 6.45
N ARG B 171 3.89 11.46 5.33
CA ARG B 171 4.50 11.23 4.02
C ARG B 171 3.89 12.23 3.04
N ARG B 172 4.06 13.50 3.38
CA ARG B 172 3.29 14.55 2.72
C ARG B 172 3.52 14.56 1.21
N MET B 173 2.41 14.72 0.45
CA MET B 173 2.52 14.98 -0.97
CA MET B 173 2.50 14.97 -0.98
C MET B 173 2.49 16.49 -1.20
N PRO B 174 3.60 17.10 -1.61
CA PRO B 174 3.64 18.57 -1.65
C PRO B 174 2.75 19.14 -2.74
N ALA B 175 2.33 20.39 -2.51
CA ALA B 175 1.57 21.18 -3.47
C ALA B 175 1.39 22.59 -2.93
N ASN B 176 1.41 23.57 -3.81
CA ASN B 176 1.01 24.90 -3.39
C ASN B 176 -0.45 25.10 -3.80
N ALA B 177 -1.04 26.23 -3.36
CA ALA B 177 -2.47 26.42 -3.56
C ALA B 177 -2.84 26.50 -5.04
N GLU B 178 -1.97 27.05 -5.87
CA GLU B 178 -2.25 27.08 -7.30
C GLU B 178 -2.31 25.67 -7.88
N GLN B 179 -1.38 24.81 -7.48
CA GLN B 179 -1.37 23.44 -7.99
C GLN B 179 -2.58 22.67 -7.52
N ILE B 180 -3.05 22.94 -6.29
CA ILE B 180 -4.26 22.27 -5.81
C ILE B 180 -5.46 22.69 -6.67
N GLY B 181 -5.60 23.99 -6.91
CA GLY B 181 -6.68 24.45 -7.78
C GLY B 181 -6.65 23.81 -9.16
N GLU B 182 -5.45 23.62 -9.71
CA GLU B 182 -5.31 22.97 -11.02
C GLU B 182 -5.67 21.49 -10.95
N TRP B 183 -5.25 20.81 -9.86
CA TRP B 183 -5.62 19.41 -9.66
C TRP B 183 -7.13 19.25 -9.63
N LEU B 184 -7.83 20.08 -8.84
CA LEU B 184 -9.28 20.04 -8.81
C LEU B 184 -9.88 20.30 -10.19
N ASP B 185 -9.42 21.38 -10.85
CA ASP B 185 -9.97 21.72 -12.17
C ASP B 185 -9.75 20.59 -13.17
N THR B 186 -8.58 19.96 -13.14
CA THR B 186 -8.28 18.91 -14.10
C THR B 186 -9.24 17.73 -13.94
N LEU B 187 -9.39 17.22 -12.72
CA LEU B 187 -10.21 16.02 -12.52
C LEU B 187 -11.69 16.33 -12.66
N ILE B 188 -12.15 17.44 -12.09
CA ILE B 188 -13.56 17.81 -12.21
C ILE B 188 -13.91 18.08 -13.67
N GLY B 189 -13.00 18.73 -14.40
CA GLY B 189 -13.25 19.05 -15.79
C GLY B 189 -13.39 17.83 -16.70
N LEU B 190 -12.88 16.68 -16.27
CA LEU B 190 -13.05 15.48 -17.11
C LEU B 190 -14.50 15.11 -17.24
N VAL B 191 -15.28 15.26 -16.18
CA VAL B 191 -16.62 14.71 -16.16
C VAL B 191 -17.70 15.76 -15.93
N ALA B 192 -17.34 17.05 -15.76
CA ALA B 192 -18.36 18.04 -15.42
C ALA B 192 -19.45 18.12 -16.49
N LYS B 193 -19.05 18.12 -17.76
CA LYS B 193 -20.02 18.26 -18.83
C LYS B 193 -20.94 17.04 -18.89
N ARG B 194 -20.37 15.83 -18.78
CA ARG B 194 -21.18 14.61 -18.80
C ARG B 194 -22.16 14.60 -17.63
N CYS B 195 -21.68 14.95 -16.44
CA CYS B 195 -22.55 14.98 -15.28
C CYS B 195 -23.73 15.90 -15.53
N ARG B 196 -23.49 17.06 -16.13
CA ARG B 196 -24.58 18.01 -16.35
C ARG B 196 -25.60 17.44 -17.33
N ARG B 197 -25.13 16.93 -18.47
CA ARG B 197 -26.07 16.39 -19.46
C ARG B 197 -26.68 15.07 -19.03
N ASP B 198 -26.02 14.31 -18.14
CA ASP B 198 -26.56 13.04 -17.67
C ASP B 198 -27.44 13.19 -16.45
N GLY B 199 -27.39 14.33 -15.78
CA GLY B 199 -28.16 14.47 -14.54
C GLY B 199 -27.48 13.93 -13.31
N ARG B 200 -26.15 13.97 -13.26
CA ARG B 200 -25.41 13.49 -12.11
C ARG B 200 -24.55 14.61 -11.55
N LEU B 201 -23.95 14.35 -10.42
CA LEU B 201 -23.21 15.36 -9.68
C LEU B 201 -21.73 15.01 -9.70
N ILE B 202 -20.89 16.06 -9.72
CA ILE B 202 -19.45 15.90 -9.51
C ILE B 202 -19.06 16.82 -8.37
N ALA B 203 -18.34 16.29 -7.39
CA ALA B 203 -17.92 17.10 -6.24
C ALA B 203 -16.51 16.68 -5.82
N HIS B 204 -15.93 17.46 -4.88
CA HIS B 204 -14.72 17.03 -4.21
C HIS B 204 -14.91 17.20 -2.71
N SER B 205 -14.01 16.58 -1.92
CA SER B 205 -14.18 16.50 -0.48
C SER B 205 -12.87 16.77 0.24
N GLU B 206 -12.92 17.67 1.23
CA GLU B 206 -11.79 17.96 2.10
C GLU B 206 -12.21 17.77 3.55
N ASN B 207 -11.25 17.41 4.40
CA ASN B 207 -11.47 17.48 5.84
C ASN B 207 -11.47 18.96 6.25
N ASP B 208 -11.68 19.22 7.54
CA ASP B 208 -11.96 20.62 7.89
C ASP B 208 -10.71 21.48 7.96
N ALA B 209 -9.52 20.97 7.61
CA ALA B 209 -8.38 21.86 7.48
C ALA B 209 -8.64 22.93 6.43
N ILE B 210 -9.47 22.63 5.42
CA ILE B 210 -9.72 23.67 4.42
C ILE B 210 -10.41 24.89 5.03
N TRP B 211 -11.24 24.70 6.07
CA TRP B 211 -11.93 25.83 6.70
C TRP B 211 -11.10 26.46 7.83
N TYR B 212 -10.23 25.66 8.46
CA TYR B 212 -9.68 26.00 9.77
C TYR B 212 -8.17 26.22 9.82
N ALA B 213 -7.40 25.69 8.88
CA ALA B 213 -5.93 25.67 9.02
C ALA B 213 -5.30 26.74 8.13
N ASP B 214 -4.73 27.79 8.75
CA ASP B 214 -3.94 28.75 7.99
C ASP B 214 -2.77 28.07 7.29
N GLY B 215 -2.45 28.53 6.08
CA GLY B 215 -1.35 27.97 5.32
C GLY B 215 -1.68 26.68 4.59
N HIS B 216 -2.89 26.15 4.74
CA HIS B 216 -3.27 24.90 4.09
C HIS B 216 -3.53 25.16 2.60
N ALA B 217 -3.03 24.27 1.73
CA ALA B 217 -3.05 24.56 0.29
C ALA B 217 -4.44 24.45 -0.36
N PHE B 218 -5.41 23.76 0.25
CA PHE B 218 -6.79 23.83 -0.21
C PHE B 218 -7.44 25.05 0.44
N LEU B 219 -8.04 25.89 -0.36
CA LEU B 219 -8.63 27.15 0.08
C LEU B 219 -10.15 27.04 0.19
N PRO B 220 -10.78 27.75 1.13
CA PRO B 220 -12.25 27.65 1.27
C PRO B 220 -13.01 27.80 -0.04
N ARG B 221 -12.68 28.80 -0.85
CA ARG B 221 -13.40 29.00 -2.10
C ARG B 221 -13.31 27.80 -3.04
N TYR B 222 -12.30 26.93 -2.88
CA TYR B 222 -12.26 25.72 -3.70
C TYR B 222 -13.45 24.82 -3.39
N ALA B 223 -13.75 24.63 -2.12
CA ALA B 223 -14.87 23.78 -1.74
C ALA B 223 -16.19 24.40 -2.16
N SER B 224 -16.30 25.73 -2.04
CA SER B 224 -17.57 26.41 -2.25
C SER B 224 -17.82 26.84 -3.69
N CYS B 225 -16.82 26.74 -4.56
CA CYS B 225 -17.00 27.14 -5.95
C CYS B 225 -16.72 26.03 -6.94
N LYS B 226 -15.89 25.04 -6.60
CA LYS B 226 -15.52 23.99 -7.57
C LYS B 226 -16.32 22.74 -7.27
N GLY B 227 -16.76 22.06 -8.33
CA GLY B 227 -17.72 20.98 -8.19
C GLY B 227 -19.11 21.57 -8.05
N ASP B 228 -20.12 20.69 -8.04
CA ASP B 228 -21.50 21.11 -8.17
C ASP B 228 -22.14 21.52 -6.86
N VAL B 229 -21.66 20.95 -5.76
CA VAL B 229 -22.17 21.23 -4.43
C VAL B 229 -20.97 21.26 -3.50
N THR B 230 -21.09 22.07 -2.43
CA THR B 230 -20.09 22.07 -1.37
C THR B 230 -20.25 20.83 -0.51
N THR B 231 -19.14 20.16 -0.21
CA THR B 231 -19.17 19.09 0.79
C THR B 231 -18.51 19.60 2.05
N VAL B 232 -19.08 19.22 3.20
CA VAL B 232 -18.44 19.43 4.50
C VAL B 232 -18.53 18.11 5.28
N HIS B 233 -17.49 17.84 6.06
CA HIS B 233 -17.41 16.68 6.96
C HIS B 233 -17.30 17.22 8.38
N SER B 234 -18.27 16.90 9.23
CA SER B 234 -18.38 17.57 10.53
C SER B 234 -18.02 16.59 11.66
N TRP B 235 -16.89 16.84 12.32
CA TRP B 235 -16.37 15.96 13.36
C TRP B 235 -15.98 16.79 14.57
N VAL B 236 -16.77 16.70 15.64
CA VAL B 236 -16.56 17.56 16.81
C VAL B 236 -15.43 17.04 17.69
N PHE B 237 -14.71 15.99 17.26
CA PHE B 237 -13.45 15.69 17.94
C PHE B 237 -12.32 16.63 17.53
N ASN B 238 -12.61 17.63 16.70
CA ASN B 238 -11.62 18.58 16.21
C ASN B 238 -11.29 19.67 17.23
N GLY B 239 -11.58 19.45 18.50
CA GLY B 239 -11.40 20.45 19.53
C GLY B 239 -12.71 21.09 19.97
N THR B 240 -13.75 20.98 19.15
CA THR B 240 -15.02 21.60 19.52
C THR B 240 -15.64 20.91 20.72
N GLY B 241 -15.78 19.58 20.67
CA GLY B 241 -16.35 18.84 21.79
C GLY B 241 -15.49 18.94 23.03
N GLN B 242 -14.15 18.92 22.87
CA GLN B 242 -13.27 18.98 24.03
C GLN B 242 -13.30 20.35 24.69
N HIS B 243 -13.33 21.41 23.88
CA HIS B 243 -13.26 22.76 24.43
C HIS B 243 -14.59 23.24 25.01
N TYR B 244 -15.70 23.00 24.32
CA TYR B 244 -16.98 23.57 24.75
C TYR B 244 -17.89 22.56 25.44
N GLY B 245 -17.59 21.27 25.33
CA GLY B 245 -18.48 20.23 25.81
C GLY B 245 -19.18 19.53 24.66
N PRO B 246 -19.32 18.21 24.77
CA PRO B 246 -19.88 17.43 23.65
C PRO B 246 -21.32 17.80 23.31
N MET B 247 -22.11 18.21 24.29
CA MET B 247 -23.50 18.58 24.07
C MET B 247 -23.73 20.09 24.17
N SER B 248 -22.66 20.88 24.04
CA SER B 248 -22.78 22.32 23.99
C SER B 248 -23.43 22.76 22.67
N CYS B 249 -23.93 24.01 22.67
CA CYS B 249 -24.43 24.57 21.42
CA CYS B 249 -24.43 24.61 21.42
C CYS B 249 -23.35 24.64 20.35
N GLU B 250 -22.09 24.87 20.76
CA GLU B 250 -21.00 24.88 19.80
C GLU B 250 -20.82 23.51 19.15
N SER B 251 -20.99 22.44 19.93
CA SER B 251 -20.81 21.09 19.40
C SER B 251 -22.03 20.65 18.60
N LEU B 252 -23.23 20.85 19.15
CA LEU B 252 -24.44 20.42 18.46
C LEU B 252 -24.68 21.22 17.19
N GLY B 253 -24.20 22.47 17.13
CA GLY B 253 -24.39 23.27 15.94
C GLY B 253 -23.25 23.22 14.96
N HIS B 254 -22.23 22.41 15.21
CA HIS B 254 -20.99 22.47 14.43
C HIS B 254 -21.24 22.17 12.95
N ALA B 255 -22.11 21.21 12.66
CA ALA B 255 -22.41 20.90 11.27
C ALA B 255 -23.16 22.04 10.58
N ALA B 256 -24.15 22.63 11.26
CA ALA B 256 -24.81 23.81 10.70
C ALA B 256 -23.84 24.97 10.51
N TRP B 257 -22.88 25.11 11.45
CA TRP B 257 -21.85 26.14 11.31
C TRP B 257 -21.03 25.93 10.03
N LEU B 258 -20.59 24.70 9.78
CA LEU B 258 -19.83 24.46 8.54
C LEU B 258 -20.69 24.75 7.31
N VAL B 259 -21.97 24.39 7.35
CA VAL B 259 -22.84 24.69 6.23
C VAL B 259 -22.86 26.20 5.97
N GLU B 260 -23.15 26.99 7.02
CA GLU B 260 -23.29 28.43 6.83
C GLU B 260 -21.94 29.10 6.54
N LEU B 261 -20.89 28.67 7.23
CA LEU B 261 -19.55 29.20 6.94
C LEU B 261 -19.20 29.00 5.48
N SER B 262 -19.47 27.80 4.96
CA SER B 262 -19.06 27.49 3.59
C SER B 262 -19.71 28.42 2.59
N LYS B 263 -20.97 28.82 2.84
CA LYS B 263 -21.67 29.67 1.88
C LYS B 263 -21.01 31.04 1.71
N ALA B 264 -20.29 31.52 2.73
CA ALA B 264 -19.62 32.80 2.62
C ALA B 264 -18.67 32.81 1.43
N PHE B 265 -18.09 31.67 1.12
CA PHE B 265 -17.08 31.58 0.09
C PHE B 265 -17.64 31.11 -1.25
N ALA B 266 -18.96 30.96 -1.36
CA ALA B 266 -19.61 30.54 -2.59
C ALA B 266 -19.97 31.74 -3.46
N ALA B 267 -19.68 31.64 -4.75
CA ALA B 267 -20.11 32.65 -5.70
C ALA B 267 -21.62 32.56 -5.96
N ASP B 268 -22.17 31.36 -5.90
CA ASP B 268 -23.59 31.12 -6.19
C ASP B 268 -24.38 31.23 -4.89
N PRO B 269 -25.35 32.15 -4.80
CA PRO B 269 -26.02 32.40 -3.49
C PRO B 269 -26.96 31.31 -3.04
N HIS B 270 -27.30 30.33 -3.88
CA HIS B 270 -28.12 29.22 -3.42
C HIS B 270 -27.48 27.88 -3.75
N ARG B 271 -26.15 27.85 -3.81
CA ARG B 271 -25.45 26.61 -4.09
C ARG B 271 -25.72 25.63 -2.96
N PRO B 272 -26.10 24.38 -3.26
CA PRO B 272 -26.36 23.41 -2.19
C PRO B 272 -25.11 23.05 -1.41
N VAL B 273 -25.32 22.72 -0.14
CA VAL B 273 -24.24 22.29 0.75
C VAL B 273 -24.58 20.88 1.23
N TRP B 274 -23.66 19.95 1.03
CA TRP B 274 -23.86 18.55 1.38
C TRP B 274 -23.08 18.25 2.65
N VAL B 275 -23.79 17.98 3.75
CA VAL B 275 -23.13 17.47 4.94
C VAL B 275 -22.82 16.01 4.65
N GLN B 276 -21.67 15.76 4.01
CA GLN B 276 -21.39 14.47 3.38
C GLN B 276 -20.90 13.43 4.38
N ALA B 277 -20.43 13.86 5.55
CA ALA B 277 -20.07 12.93 6.60
C ALA B 277 -20.26 13.64 7.93
N ILE B 278 -20.96 12.98 8.85
CA ILE B 278 -21.16 13.45 10.22
C ILE B 278 -21.42 12.21 11.06
N GLY B 279 -20.84 12.17 12.26
CA GLY B 279 -21.06 11.06 13.17
C GLY B 279 -21.02 11.58 14.60
N ALA B 280 -21.24 10.67 15.55
CA ALA B 280 -21.17 11.06 16.95
C ALA B 280 -19.96 10.41 17.62
N PRO B 281 -18.76 10.99 17.50
CA PRO B 281 -17.54 10.26 17.87
C PRO B 281 -17.45 10.02 19.37
N GLY B 282 -17.29 8.74 19.74
CA GLY B 282 -17.25 8.32 21.12
C GLY B 282 -16.05 8.78 21.90
N ASN B 283 -15.03 9.33 21.23
CA ASN B 283 -13.92 9.88 22.01
C ASN B 283 -14.26 11.23 22.64
N VAL B 284 -15.39 11.86 22.30
CA VAL B 284 -15.80 13.10 22.97
C VAL B 284 -17.26 13.06 23.44
N ILE B 285 -18.12 12.32 22.75
CA ILE B 285 -19.53 12.22 23.11
C ILE B 285 -19.78 10.88 23.78
N ASP B 286 -20.28 10.89 25.01
CA ASP B 286 -20.62 9.63 25.68
CA ASP B 286 -20.61 9.63 25.67
C ASP B 286 -21.68 8.89 24.88
N SER B 287 -21.58 7.56 24.84
CA SER B 287 -22.51 6.76 24.05
C SER B 287 -23.96 7.06 24.40
N ALA B 288 -24.23 7.39 25.67
CA ALA B 288 -25.59 7.69 26.08
C ALA B 288 -26.09 8.99 25.47
N ASP B 289 -25.18 9.91 25.10
CA ASP B 289 -25.56 11.17 24.49
C ASP B 289 -25.62 11.10 22.97
N ALA B 290 -25.08 10.04 22.36
CA ALA B 290 -24.97 10.02 20.90
C ALA B 290 -26.32 10.10 20.18
N PRO B 291 -27.38 9.41 20.60
CA PRO B 291 -28.68 9.59 19.91
C PRO B 291 -29.16 11.03 19.90
N GLU B 292 -29.10 11.72 21.05
CA GLU B 292 -29.50 13.12 21.07
C GLU B 292 -28.52 14.00 20.30
N PHE B 293 -27.23 13.68 20.32
CA PHE B 293 -26.31 14.42 19.46
C PHE B 293 -26.73 14.32 18.00
N CYS B 294 -27.11 13.12 17.58
CA CYS B 294 -27.56 12.93 16.20
C CYS B 294 -28.82 13.73 15.91
N ARG B 295 -29.84 13.59 16.76
CA ARG B 295 -31.10 14.29 16.52
C ARG B 295 -30.92 15.80 16.47
N ARG B 296 -30.21 16.36 17.46
CA ARG B 296 -30.16 17.82 17.54
C ARG B 296 -29.18 18.41 16.54
N SER B 297 -28.12 17.68 16.17
CA SER B 297 -27.25 18.15 15.09
CA SER B 297 -27.25 18.15 15.09
C SER B 297 -28.04 18.26 13.79
N ILE B 298 -28.89 17.28 13.50
CA ILE B 298 -29.69 17.32 12.27
C ILE B 298 -30.78 18.38 12.36
N ASP B 299 -31.34 18.61 13.54
CA ASP B 299 -32.25 19.74 13.74
C ASP B 299 -31.61 21.05 13.33
N ALA B 300 -30.36 21.28 13.74
CA ALA B 300 -29.70 22.54 13.40
C ALA B 300 -29.38 22.62 11.91
N ILE B 301 -28.93 21.51 11.32
CA ILE B 301 -28.69 21.48 9.89
C ILE B 301 -29.97 21.77 9.12
N ALA B 302 -31.08 21.17 9.57
CA ALA B 302 -32.35 21.34 8.86
C ALA B 302 -32.84 22.79 8.89
N ASP B 303 -32.32 23.63 9.79
CA ASP B 303 -32.71 25.03 9.82
C ASP B 303 -31.81 25.91 8.96
N CYS B 304 -30.94 25.29 8.16
CA CYS B 304 -30.12 26.03 7.20
C CYS B 304 -30.68 25.84 5.80
N PRO B 305 -30.92 26.91 5.04
CA PRO B 305 -31.45 26.71 3.68
C PRO B 305 -30.46 26.02 2.78
N ASP B 306 -30.96 25.45 1.69
CA ASP B 306 -30.11 24.96 0.61
C ASP B 306 -29.17 23.84 1.06
N VAL B 307 -29.58 23.02 2.03
CA VAL B 307 -28.77 21.87 2.38
C VAL B 307 -29.09 20.74 1.40
N PHE B 308 -28.07 20.29 0.67
CA PHE B 308 -28.26 19.22 -0.31
C PHE B 308 -28.71 17.93 0.38
N GLY B 309 -28.07 17.58 1.49
CA GLY B 309 -28.43 16.39 2.21
C GLY B 309 -27.52 16.19 3.40
N VAL B 310 -27.87 15.17 4.19
CA VAL B 310 -27.10 14.72 5.34
C VAL B 310 -26.80 13.24 5.14
N THR B 311 -25.52 12.87 5.21
CA THR B 311 -25.05 11.50 5.00
C THR B 311 -24.28 11.06 6.25
N TRP B 312 -24.90 10.17 7.03
CA TRP B 312 -24.33 9.80 8.32
C TRP B 312 -23.11 8.89 8.14
N TRP B 313 -22.12 9.07 9.03
CA TRP B 313 -20.97 8.16 9.11
C TRP B 313 -21.17 7.34 10.37
N CYS B 314 -21.47 6.04 10.24
CA CYS B 314 -21.49 5.24 9.01
C CYS B 314 -22.53 4.12 9.15
N SER B 315 -22.61 3.20 8.17
CA SER B 315 -23.70 2.23 8.19
C SER B 315 -23.48 1.10 9.20
N HIS B 316 -22.33 0.44 9.16
CA HIS B 316 -22.16 -0.80 9.92
C HIS B 316 -20.88 -0.76 10.74
N ARG B 317 -20.99 -1.09 12.02
CA ARG B 317 -19.86 -0.98 12.93
C ARG B 317 -18.70 -1.88 12.48
N ILE B 318 -17.49 -1.40 12.71
CA ILE B 318 -16.29 -2.16 12.37
C ILE B 318 -16.15 -3.34 13.32
N PRO B 319 -15.94 -4.56 12.83
CA PRO B 319 -15.76 -5.71 13.73
C PRO B 319 -14.57 -5.50 14.65
N SER B 320 -14.72 -5.95 15.89
CA SER B 320 -13.67 -5.74 16.88
C SER B 320 -12.41 -6.54 16.59
N ALA B 321 -12.48 -7.55 15.70
CA ALA B 321 -11.28 -8.29 15.37
C ALA B 321 -10.28 -7.47 14.56
N PHE B 322 -10.70 -6.35 13.97
CA PHE B 322 -9.77 -5.51 13.21
C PHE B 322 -9.08 -4.51 14.14
N SER B 323 -7.78 -4.37 13.97
CA SER B 323 -6.95 -3.57 14.86
C SER B 323 -6.48 -2.28 14.22
N ASP B 324 -5.95 -1.40 15.07
CA ASP B 324 -5.24 -0.15 14.76
C ASP B 324 -6.16 0.99 14.34
N PHE B 325 -7.46 0.80 14.39
CA PHE B 325 -8.38 1.92 14.32
C PHE B 325 -8.35 2.69 15.62
N PRO B 326 -8.43 4.02 15.59
CA PRO B 326 -8.82 4.75 16.80
C PRO B 326 -10.10 4.10 17.34
N PHE B 327 -10.17 3.90 18.65
CA PHE B 327 -11.22 3.03 19.18
C PHE B 327 -12.61 3.51 18.77
N PHE B 328 -12.85 4.82 18.83
CA PHE B 328 -14.19 5.35 18.57
C PHE B 328 -14.67 5.01 17.16
N GLU B 329 -13.74 4.80 16.21
CA GLU B 329 -14.18 4.47 14.85
C GLU B 329 -15.04 3.22 14.82
N HIS B 330 -14.84 2.29 15.76
CA HIS B 330 -15.60 1.03 15.73
C HIS B 330 -17.08 1.28 16.00
N GLN B 331 -17.40 2.26 16.85
CA GLN B 331 -18.77 2.52 17.31
C GLN B 331 -19.57 3.42 16.39
N LEU B 332 -18.97 4.00 15.35
CA LEU B 332 -19.70 4.98 14.56
C LEU B 332 -20.85 4.37 13.74
N GLY B 333 -20.98 3.04 13.68
CA GLY B 333 -21.98 2.44 12.78
C GLY B 333 -23.41 2.55 13.32
N LEU B 334 -24.36 2.75 12.40
CA LEU B 334 -25.77 2.75 12.78
C LEU B 334 -26.25 1.33 13.07
N PHE B 335 -25.62 0.33 12.48
CA PHE B 335 -25.93 -1.06 12.76
C PHE B 335 -24.73 -1.67 13.47
N ASP B 336 -25.02 -2.44 14.54
CA ASP B 336 -23.99 -3.13 15.31
C ASP B 336 -23.41 -4.29 14.51
N VAL B 337 -22.37 -4.93 15.07
CA VAL B 337 -21.69 -6.02 14.40
C VAL B 337 -22.60 -7.23 14.18
N ASP B 338 -23.69 -7.34 14.94
CA ASP B 338 -24.66 -8.41 14.78
C ASP B 338 -25.83 -8.01 13.88
N GLY B 339 -25.77 -6.84 13.26
CA GLY B 339 -26.80 -6.41 12.35
C GLY B 339 -27.98 -5.68 12.96
N THR B 340 -28.01 -5.51 14.29
CA THR B 340 -29.13 -4.83 14.92
C THR B 340 -28.96 -3.31 14.91
N LEU B 341 -30.10 -2.62 14.87
CA LEU B 341 -30.11 -1.15 14.79
C LEU B 341 -29.75 -0.55 16.15
N THR B 342 -28.70 0.29 16.17
CA THR B 342 -28.27 0.91 17.41
C THR B 342 -29.21 2.05 17.81
N ASP B 343 -28.99 2.59 19.00
CA ASP B 343 -29.77 3.74 19.45
C ASP B 343 -29.53 4.95 18.56
N VAL B 344 -28.30 5.12 18.09
CA VAL B 344 -28.02 6.22 17.16
C VAL B 344 -28.73 5.96 15.84
N GLY B 345 -28.74 4.70 15.39
CA GLY B 345 -29.47 4.34 14.19
C GLY B 345 -30.95 4.68 14.28
N LYS B 346 -31.54 4.44 15.45
CA LYS B 346 -32.94 4.81 15.66
C LYS B 346 -33.13 6.32 15.58
N ALA B 347 -32.21 7.08 16.18
CA ALA B 347 -32.29 8.53 16.14
C ALA B 347 -32.22 9.04 14.70
N PHE B 348 -31.32 8.45 13.90
CA PHE B 348 -31.16 8.91 12.52
C PHE B 348 -32.38 8.56 11.68
N ARG B 349 -32.88 7.33 11.83
CA ARG B 349 -34.15 6.95 11.23
C ARG B 349 -35.24 7.95 11.59
N ASP B 350 -35.35 8.28 12.87
CA ASP B 350 -36.37 9.23 13.31
C ASP B 350 -36.11 10.63 12.78
N ALA B 351 -34.85 11.02 12.61
CA ALA B 351 -34.55 12.35 12.08
C ALA B 351 -34.98 12.49 10.63
N ILE B 352 -34.79 11.42 9.83
CA ILE B 352 -35.27 11.41 8.44
C ILE B 352 -36.77 11.66 8.39
N ALA B 353 -37.52 10.92 9.21
CA ALA B 353 -38.97 11.10 9.21
C ALA B 353 -39.34 12.50 9.67
N THR B 354 -38.64 13.01 10.69
CA THR B 354 -38.92 14.35 11.22
C THR B 354 -38.72 15.43 10.18
N HIS B 355 -37.62 15.36 9.43
CA HIS B 355 -37.21 16.45 8.55
C HIS B 355 -37.44 16.13 7.07
N ARG B 356 -38.30 15.16 6.78
CA ARG B 356 -38.63 14.76 5.43
C ARG B 356 -39.01 15.96 4.56
N ASP B 357 -39.89 16.83 5.07
CA ASP B 357 -40.41 17.96 4.31
C ASP B 357 -40.02 19.30 4.93
N THR B 358 -38.98 19.33 5.76
CA THR B 358 -38.57 20.57 6.41
C THR B 358 -37.97 21.56 5.41
N VAL B 359 -38.48 22.79 5.43
CA VAL B 359 -37.95 23.90 4.64
C VAL B 359 -37.43 24.95 5.61
N ALA B 360 -36.15 25.28 5.51
CA ALA B 360 -35.57 26.28 6.40
C ALA B 360 -35.85 27.68 5.87
N PRO B 361 -36.30 28.60 6.71
CA PRO B 361 -36.50 30.00 6.27
C PRO B 361 -35.17 30.68 5.97
N PRO B 362 -35.18 31.75 5.18
CA PRO B 362 -33.93 32.46 4.89
C PRO B 362 -33.27 32.97 6.16
N ARG B 363 -31.96 33.00 6.15
CA ARG B 363 -31.18 33.57 7.25
C ARG B 363 -30.74 34.96 6.84
N THR B 364 -31.02 35.96 7.69
CA THR B 364 -30.92 37.35 7.29
C THR B 364 -29.90 38.17 8.08
N THR B 365 -29.43 37.67 9.22
CA THR B 365 -28.32 38.28 9.95
C THR B 365 -27.04 37.50 9.66
N ALA B 366 -26.02 38.18 9.17
CA ALA B 366 -24.78 37.55 8.75
C ALA B 366 -23.63 38.05 9.60
N ILE B 367 -22.75 37.14 10.05
CA ILE B 367 -21.44 37.57 10.55
C ILE B 367 -20.51 37.73 9.37
N VAL B 368 -19.57 38.67 9.49
CA VAL B 368 -18.68 39.05 8.39
C VAL B 368 -17.31 38.46 8.62
N ILE B 369 -16.80 37.72 7.62
CA ILE B 369 -15.45 37.17 7.63
C ILE B 369 -14.54 38.14 6.88
N PRO B 370 -13.54 38.73 7.54
CA PRO B 370 -12.60 39.58 6.77
C PRO B 370 -11.76 38.71 5.85
N VAL B 371 -11.66 39.11 4.58
CA VAL B 371 -10.90 38.34 3.62
C VAL B 371 -9.93 39.27 2.90
N ASP B 372 -8.95 38.66 2.26
CA ASP B 372 -8.07 39.48 1.45
C ASP B 372 -8.73 39.72 0.10
N GLU B 373 -8.00 40.39 -0.78
CA GLU B 373 -8.48 40.75 -2.11
C GLU B 373 -8.74 39.54 -3.00
N GLN B 374 -8.23 38.35 -2.64
CA GLN B 374 -8.59 37.16 -3.42
C GLN B 374 -9.78 36.42 -2.82
N GLY B 375 -10.40 36.95 -1.76
CA GLY B 375 -11.50 36.25 -1.12
C GLY B 375 -11.09 35.14 -0.19
N ASP B 376 -9.83 35.10 0.24
CA ASP B 376 -9.41 34.09 1.20
C ASP B 376 -9.33 34.72 2.60
N PRO B 377 -9.69 33.98 3.66
CA PRO B 377 -9.71 34.58 5.00
C PRO B 377 -8.38 35.22 5.37
N LEU B 378 -8.47 36.37 6.06
CA LEU B 378 -7.28 36.94 6.66
C LEU B 378 -6.71 36.00 7.70
N MET B 379 -7.56 35.23 8.39
CA MET B 379 -7.07 34.32 9.42
C MET B 379 -8.07 33.18 9.58
N ARG B 380 -7.74 32.01 9.02
CA ARG B 380 -8.64 30.88 9.17
C ARG B 380 -8.74 30.45 10.64
N ALA B 381 -7.68 30.67 11.43
CA ALA B 381 -7.75 30.27 12.83
C ALA B 381 -8.89 30.98 13.56
N ALA B 382 -9.30 32.16 13.07
CA ALA B 382 -10.40 32.87 13.73
C ALA B 382 -11.76 32.22 13.47
N GLN B 383 -11.88 31.41 12.42
CA GLN B 383 -13.13 30.70 12.21
C GLN B 383 -13.02 29.23 12.61
N ALA B 384 -11.89 28.82 13.19
CA ALA B 384 -11.72 27.50 13.77
C ALA B 384 -12.28 27.47 15.19
N PRO B 385 -12.53 26.28 15.74
CA PRO B 385 -13.01 26.20 17.13
C PRO B 385 -12.14 27.00 18.08
N GLY B 386 -12.79 27.77 18.94
CA GLY B 386 -12.09 28.66 19.83
C GLY B 386 -11.85 30.05 19.28
N GLY B 387 -12.08 30.25 17.95
CA GLY B 387 -11.78 31.54 17.33
C GLY B 387 -12.93 32.53 17.45
N SER B 388 -12.61 33.82 17.25
CA SER B 388 -13.60 34.87 17.47
C SER B 388 -14.80 34.71 16.52
N LEU B 389 -14.55 34.34 15.25
CA LEU B 389 -15.66 34.24 14.31
C LEU B 389 -16.52 33.00 14.58
N PHE B 390 -15.86 31.89 14.85
CA PHE B 390 -16.52 30.67 15.31
C PHE B 390 -17.47 30.97 16.46
N GLU B 391 -16.97 31.66 17.51
CA GLU B 391 -17.81 31.90 18.68
C GLU B 391 -18.87 32.95 18.43
N ALA B 392 -18.58 33.96 17.59
CA ALA B 392 -19.61 34.93 17.26
C ALA B 392 -20.80 34.27 16.58
N TRP B 393 -20.53 33.36 15.63
CA TRP B 393 -21.64 32.65 15.00
C TRP B 393 -22.36 31.77 16.03
N ALA B 394 -21.61 31.03 16.85
CA ALA B 394 -22.23 30.14 17.82
C ALA B 394 -23.08 30.91 18.82
N ASN B 395 -22.60 32.07 19.28
CA ASN B 395 -23.42 32.86 20.21
C ASN B 395 -24.68 33.38 19.54
N LEU B 396 -24.59 33.85 18.29
CA LEU B 396 -25.80 34.30 17.61
C LEU B 396 -26.76 33.14 17.42
N ASN B 397 -26.22 31.94 17.17
CA ASN B 397 -27.08 30.76 17.04
C ASN B 397 -27.78 30.45 18.35
N ARG B 398 -27.02 30.39 19.45
CA ARG B 398 -27.62 30.15 20.76
C ARG B 398 -28.65 31.23 21.13
N GLN B 399 -28.47 32.47 20.68
CA GLN B 399 -29.46 33.50 20.97
C GLN B 399 -30.69 33.44 20.07
N GLY B 400 -30.78 32.46 19.15
CA GLY B 400 -31.92 32.32 18.28
C GLY B 400 -31.94 33.24 17.07
N GLU B 401 -30.81 33.87 16.73
CA GLU B 401 -30.72 34.83 15.64
C GLU B 401 -30.47 34.19 14.27
N ARG B 402 -30.30 32.87 14.22
CA ARG B 402 -30.16 32.13 12.97
C ARG B 402 -29.16 32.76 11.99
N PRO B 403 -27.90 32.93 12.39
CA PRO B 403 -26.96 33.66 11.55
C PRO B 403 -26.55 32.90 10.30
N CYS B 404 -26.24 33.67 9.25
CA CYS B 404 -25.51 33.18 8.10
C CYS B 404 -24.13 33.82 8.13
N VAL B 405 -23.36 33.66 7.06
CA VAL B 405 -21.97 34.10 7.05
C VAL B 405 -21.69 34.73 5.69
N ILE B 406 -20.97 35.84 5.69
CA ILE B 406 -20.61 36.51 4.44
C ILE B 406 -19.15 36.95 4.54
N THR B 407 -18.52 37.19 3.39
CA THR B 407 -17.19 37.78 3.46
C THR B 407 -17.27 39.30 3.50
N SER B 408 -16.14 39.94 3.87
CA SER B 408 -16.11 41.39 3.86
C SER B 408 -16.23 41.94 2.44
N LEU B 409 -15.75 41.21 1.44
CA LEU B 409 -15.94 41.67 0.06
C LEU B 409 -17.41 41.72 -0.30
N ASP B 410 -18.15 40.66 0.00
CA ASP B 410 -19.58 40.66 -0.33
C ASP B 410 -20.37 41.64 0.52
N ALA B 411 -19.92 41.92 1.74
CA ALA B 411 -20.63 42.85 2.60
C ALA B 411 -20.74 44.22 1.95
N GLY B 412 -19.80 44.56 1.07
CA GLY B 412 -19.87 45.84 0.39
C GLY B 412 -20.50 45.74 -0.98
N ASN B 413 -21.30 44.70 -1.24
CA ASN B 413 -22.01 44.56 -2.51
C ASN B 413 -23.50 44.33 -2.27
N PRO B 414 -24.33 45.36 -2.49
CA PRO B 414 -25.76 45.22 -2.14
C PRO B 414 -26.48 44.21 -3.01
N ALA B 415 -26.02 43.96 -4.24
CA ALA B 415 -26.65 42.94 -5.06
C ALA B 415 -26.49 41.56 -4.42
N LYS B 416 -25.29 41.25 -3.95
CA LYS B 416 -25.08 39.97 -3.28
C LYS B 416 -25.92 39.90 -2.00
N LEU B 417 -25.91 40.98 -1.21
CA LEU B 417 -26.73 41.02 -0.01
C LEU B 417 -28.21 40.83 -0.34
N ALA B 418 -28.69 41.53 -1.38
CA ALA B 418 -30.09 41.41 -1.78
C ALA B 418 -30.41 39.98 -2.23
N ASN B 419 -29.55 39.39 -3.07
CA ASN B 419 -29.80 38.02 -3.52
C ASN B 419 -29.84 37.03 -2.36
N ARG B 420 -29.15 37.33 -1.24
CA ARG B 420 -29.21 36.44 -0.10
C ARG B 420 -30.21 36.89 0.97
N GLY B 421 -30.81 38.06 0.81
CA GLY B 421 -31.76 38.53 1.79
C GLY B 421 -31.13 38.99 3.09
N ILE B 422 -29.84 39.35 3.06
CA ILE B 422 -29.16 39.77 4.29
C ILE B 422 -29.50 41.22 4.57
N VAL B 423 -30.04 41.47 5.76
CA VAL B 423 -30.49 42.80 6.18
C VAL B 423 -29.69 43.33 7.36
N ARG B 424 -28.87 42.51 8.00
CA ARG B 424 -28.17 42.92 9.21
C ARG B 424 -26.81 42.25 9.22
N LEU B 425 -25.77 43.02 9.53
CA LEU B 425 -24.40 42.54 9.55
C LEU B 425 -23.83 42.68 10.94
N GLU B 426 -23.18 41.62 11.42
CA GLU B 426 -22.46 41.62 12.68
C GLU B 426 -20.98 41.47 12.40
N ARG B 427 -20.14 42.31 13.01
CA ARG B 427 -18.71 42.27 12.75
C ARG B 427 -17.96 41.94 14.03
N VAL B 428 -16.88 41.18 13.90
CA VAL B 428 -16.01 40.87 15.03
C VAL B 428 -14.56 40.90 14.55
N GLU B 429 -13.65 41.22 15.49
CA GLU B 429 -12.22 41.17 15.24
C GLU B 429 -11.73 39.74 15.08
N LEU B 430 -10.55 39.61 14.45
CA LEU B 430 -9.94 38.30 14.23
C LEU B 430 -9.15 37.88 15.47
N VAL B 431 -9.54 36.77 16.11
CA VAL B 431 -8.78 36.23 17.24
C VAL B 431 -8.63 34.73 16.99
N ALA B 432 -7.38 34.26 16.94
CA ALA B 432 -7.13 32.84 16.68
C ALA B 432 -7.59 32.01 17.85
N GLY B 433 -8.18 30.86 17.55
CA GLY B 433 -8.45 29.88 18.57
C GLY B 433 -7.28 28.94 18.74
N HIS B 434 -7.23 28.30 19.90
CA HIS B 434 -6.21 27.30 20.15
C HIS B 434 -6.82 25.96 20.55
N ALA B 435 -8.13 25.83 20.43
CA ALA B 435 -8.81 24.58 20.68
C ALA B 435 -8.71 23.59 19.51
N TYR B 436 -8.47 24.09 18.28
CA TYR B 436 -8.50 23.25 17.09
C TYR B 436 -7.33 22.28 17.04
N ASN B 437 -7.65 20.98 16.90
CA ASN B 437 -6.66 19.90 16.72
C ASN B 437 -5.45 19.99 17.65
#